data_5X5T
#
_entry.id   5X5T
#
_cell.length_a   129.040
_cell.length_b   129.040
_cell.length_c   118.093
_cell.angle_alpha   90.000
_cell.angle_beta   90.000
_cell.angle_gamma   90.000
#
_symmetry.space_group_name_H-M   'P 43 2 2'
#
loop_
_entity.id
_entity.type
_entity.pdbx_description
1 polymer 'Alpha-ketoglutaric semialdehyde dehydrogenase'
2 non-polymer GLYCEROL
3 water water
#
_entity_poly.entity_id   1
_entity_poly.type   'polypeptide(L)'
_entity_poly.pdbx_seq_one_letter_code
;MSYYHHHHHHDYDIPTTENIYFQGAANVTYTDTQLLIDGEWVDAASGKTIDVVNPATGKPIGRVAHAGIADLDRALAAAQ
SGFEAWRKVPAHERAATMRKAAALVRERADAIAQLMTQEQGKPLTEARVEVLSAADIIEWFADEGRRVYGRIVPPRNLGA
QQTVVKEPVGPVAAFTPWNFPVNQVVRKLSAALATGCSFLVKAPEETPASPAALLRAFVDAGVPAGVIGLVYGDPAEISS
YLIPHPVIRKVTFTGSTPVGKQLASLAGLHMKRATMELGGHAPVIVAEDADVALAVKAAGGAKFRNAGQVCISPTRFLVH
NSIRDEFTRALVKHAEGLKVGNGLEEGTTLGALANPRRLTAMASVIDNARKVGASIETGGERIGSEGNFFAPTVIANVPL
DADVFNNEPFGPVAAIRGFDKLEEAIAEANRLPFGLAGYAFTRSFANVHLLTQRLEVGMLWINQPATPWPEMPFGGVKDS
GYGSEGGPEALEPYLVTKSVTVMAV
;
_entity_poly.pdbx_strand_id   A,B
#
# COMPACT_ATOMS: atom_id res chain seq x y z
N THR A 29 -17.32 -33.46 21.75
CA THR A 29 -16.80 -33.73 20.34
C THR A 29 -16.07 -32.57 19.68
N TYR A 30 -15.34 -32.95 18.65
CA TYR A 30 -14.50 -32.10 17.87
C TYR A 30 -14.17 -32.89 16.54
N THR A 31 -14.31 -32.22 15.41
CA THR A 31 -14.30 -32.84 14.08
C THR A 31 -12.94 -32.69 13.45
N ASP A 32 -12.56 -33.65 12.63
CA ASP A 32 -11.42 -33.45 11.73
C ASP A 32 -11.79 -32.43 10.63
N THR A 33 -10.77 -31.76 10.10
CA THR A 33 -10.91 -30.67 9.17
C THR A 33 -10.23 -31.02 7.83
N GLN A 34 -10.94 -30.67 6.78
CA GLN A 34 -10.51 -30.82 5.40
C GLN A 34 -10.22 -29.49 4.69
N LEU A 35 -9.63 -29.62 3.51
CA LEU A 35 -9.38 -28.50 2.64
C LEU A 35 -10.67 -28.14 1.92
N LEU A 36 -10.86 -26.88 1.55
CA LEU A 36 -11.94 -26.45 0.67
C LEU A 36 -11.36 -26.01 -0.67
N ILE A 37 -11.68 -26.74 -1.71
CA ILE A 37 -11.16 -26.49 -3.05
C ILE A 37 -12.28 -26.67 -4.03
N ASP A 38 -12.58 -25.63 -4.78
CA ASP A 38 -13.53 -25.72 -5.86
C ASP A 38 -14.90 -26.19 -5.35
N GLY A 39 -15.39 -25.60 -4.29
CA GLY A 39 -16.68 -25.99 -3.69
C GLY A 39 -16.77 -27.31 -2.93
N GLU A 40 -15.66 -28.04 -2.79
CA GLU A 40 -15.65 -29.39 -2.19
C GLU A 40 -14.74 -29.42 -0.98
N TRP A 41 -15.20 -30.01 0.12
CA TRP A 41 -14.31 -30.40 1.22
C TRP A 41 -13.57 -31.67 0.84
N VAL A 42 -12.24 -31.63 0.82
CA VAL A 42 -11.43 -32.72 0.29
C VAL A 42 -10.23 -32.95 1.16
N ASP A 43 -9.69 -34.15 1.10
CA ASP A 43 -8.42 -34.47 1.73
C ASP A 43 -7.37 -33.89 0.88
N ALA A 44 -6.15 -33.76 1.41
CA ALA A 44 -4.99 -33.49 0.57
C ALA A 44 -4.78 -34.70 -0.37
N ALA A 45 -4.21 -34.46 -1.53
CA ALA A 45 -3.97 -35.51 -2.54
C ALA A 45 -3.21 -36.67 -1.94
N SER A 46 -2.15 -36.32 -1.21
CA SER A 46 -1.25 -37.27 -0.57
C SER A 46 -1.82 -38.03 0.64
N GLY A 47 -2.97 -37.57 1.15
CA GLY A 47 -3.57 -38.15 2.37
C GLY A 47 -2.96 -37.67 3.69
N LYS A 48 -1.85 -36.93 3.67
CA LYS A 48 -1.19 -36.49 4.89
C LYS A 48 -2.09 -35.52 5.74
N THR A 49 -2.01 -35.72 7.04
CA THR A 49 -2.67 -34.88 8.05
C THR A 49 -1.67 -34.46 9.15
N ILE A 50 -2.07 -33.44 9.89
CA ILE A 50 -1.37 -32.89 11.03
C ILE A 50 -2.31 -33.10 12.22
N ASP A 51 -1.79 -33.56 13.35
CA ASP A 51 -2.58 -33.71 14.57
C ASP A 51 -2.90 -32.32 15.15
N VAL A 52 -4.05 -32.23 15.81
CA VAL A 52 -4.50 -31.02 16.53
C VAL A 52 -4.66 -31.44 18.00
N VAL A 53 -4.09 -30.65 18.91
CA VAL A 53 -4.21 -30.87 20.33
C VAL A 53 -5.03 -29.73 20.96
N ASN A 54 -5.70 -30.06 22.06
CA ASN A 54 -6.35 -29.14 22.95
C ASN A 54 -5.28 -28.52 23.88
N PRO A 55 -5.06 -27.19 23.80
CA PRO A 55 -4.10 -26.58 24.71
C PRO A 55 -4.39 -26.72 26.21
N ALA A 56 -5.65 -26.90 26.64
CA ALA A 56 -5.95 -27.02 28.08
C ALA A 56 -5.52 -28.36 28.66
N THR A 57 -5.14 -29.30 27.81
CA THR A 57 -4.95 -30.71 28.14
C THR A 57 -3.63 -31.29 27.53
N GLY A 58 -3.28 -30.89 26.30
CA GLY A 58 -2.11 -31.41 25.64
C GLY A 58 -2.42 -32.70 24.88
N LYS A 59 -3.70 -33.05 24.75
CA LYS A 59 -4.09 -34.38 24.18
C LYS A 59 -4.61 -34.17 22.77
N PRO A 60 -4.35 -35.13 21.84
CA PRO A 60 -4.95 -35.08 20.49
C PRO A 60 -6.45 -34.99 20.53
N ILE A 61 -7.03 -34.11 19.72
CA ILE A 61 -8.48 -34.05 19.57
C ILE A 61 -8.94 -34.27 18.15
N GLY A 62 -8.03 -34.18 17.18
CA GLY A 62 -8.35 -34.44 15.79
C GLY A 62 -7.20 -34.23 14.84
N ARG A 63 -7.53 -33.98 13.58
CA ARG A 63 -6.50 -33.77 12.53
C ARG A 63 -7.02 -32.86 11.44
N VAL A 64 -6.09 -32.35 10.65
CA VAL A 64 -6.38 -31.41 9.60
C VAL A 64 -5.58 -31.85 8.40
N ALA A 65 -6.18 -31.75 7.23
CA ALA A 65 -5.51 -32.05 5.97
C ALA A 65 -4.28 -31.16 5.83
N HIS A 66 -3.18 -31.77 5.35
CA HIS A 66 -1.88 -31.13 5.15
C HIS A 66 -1.73 -30.95 3.63
N ALA A 67 -2.05 -29.78 3.10
CA ALA A 67 -1.94 -29.56 1.68
C ALA A 67 -0.51 -29.58 1.15
N GLY A 68 -0.33 -30.18 -0.02
CA GLY A 68 0.92 -30.01 -0.80
C GLY A 68 0.73 -29.17 -2.06
N ILE A 69 1.81 -29.07 -2.85
CA ILE A 69 1.80 -28.19 -4.02
C ILE A 69 0.65 -28.49 -4.99
N ALA A 70 0.34 -29.77 -5.20
CA ALA A 70 -0.70 -30.14 -6.14
C ALA A 70 -2.10 -29.61 -5.74
N ASP A 71 -2.37 -29.63 -4.44
CA ASP A 71 -3.63 -29.13 -3.90
C ASP A 71 -3.67 -27.60 -4.10
N LEU A 72 -2.51 -26.95 -3.99
CA LEU A 72 -2.37 -25.51 -4.20
C LEU A 72 -2.63 -25.11 -5.65
N ASP A 73 -2.14 -25.89 -6.61
CA ASP A 73 -2.41 -25.62 -8.06
C ASP A 73 -3.89 -25.70 -8.37
N ARG A 74 -4.54 -26.70 -7.81
CA ARG A 74 -5.98 -26.82 -7.94
C ARG A 74 -6.70 -25.61 -7.28
N ALA A 75 -6.21 -25.12 -6.15
CA ALA A 75 -6.87 -23.99 -5.43
C ALA A 75 -6.71 -22.72 -6.24
N LEU A 76 -5.54 -22.57 -6.82
CA LEU A 76 -5.22 -21.40 -7.65
C LEU A 76 -6.01 -21.34 -8.94
N ALA A 77 -6.12 -22.45 -9.66
CA ALA A 77 -6.96 -22.51 -10.86
C ALA A 77 -8.38 -22.17 -10.49
N ALA A 78 -8.82 -22.73 -9.38
CA ALA A 78 -10.18 -22.53 -8.98
C ALA A 78 -10.43 -21.04 -8.59
N ALA A 79 -9.49 -20.46 -7.84
CA ALA A 79 -9.57 -19.04 -7.48
C ALA A 79 -9.64 -18.15 -8.72
N GLN A 80 -8.90 -18.48 -9.76
CA GLN A 80 -8.92 -17.69 -10.99
C GLN A 80 -10.31 -17.69 -11.62
N SER A 81 -10.78 -18.91 -11.82
CA SER A 81 -12.11 -19.15 -12.36
C SER A 81 -13.25 -18.53 -11.47
N GLY A 82 -13.07 -18.57 -10.16
CA GLY A 82 -14.04 -18.00 -9.21
C GLY A 82 -14.09 -16.49 -9.29
N PHE A 83 -12.93 -15.90 -9.55
CA PHE A 83 -12.82 -14.46 -9.72
C PHE A 83 -13.57 -13.97 -10.95
N GLU A 84 -13.37 -14.64 -12.07
CA GLU A 84 -14.11 -14.34 -13.33
C GLU A 84 -15.63 -14.49 -13.11
N ALA A 85 -16.01 -15.44 -12.27
CA ALA A 85 -17.43 -15.63 -11.93
C ALA A 85 -17.95 -14.55 -10.99
N TRP A 86 -17.21 -14.32 -9.90
CA TRP A 86 -17.78 -13.52 -8.81
C TRP A 86 -17.84 -12.07 -9.15
N ARG A 87 -16.88 -11.60 -9.95
CA ARG A 87 -16.79 -10.17 -10.36
C ARG A 87 -17.98 -9.71 -11.23
N LYS A 88 -18.70 -10.69 -11.81
CA LYS A 88 -19.86 -10.51 -12.68
C LYS A 88 -21.20 -10.52 -11.97
N VAL A 89 -21.23 -10.98 -10.73
CA VAL A 89 -22.43 -11.00 -9.93
C VAL A 89 -22.66 -9.54 -9.44
N PRO A 90 -23.79 -8.95 -9.76
CA PRO A 90 -24.08 -7.57 -9.30
C PRO A 90 -23.90 -7.44 -7.77
N ALA A 91 -23.47 -6.29 -7.27
CA ALA A 91 -23.26 -6.12 -5.81
C ALA A 91 -24.44 -6.46 -4.88
N HIS A 92 -25.64 -6.06 -5.26
CA HIS A 92 -26.81 -6.34 -4.44
C HIS A 92 -26.99 -7.84 -4.30
N GLU A 93 -26.67 -8.63 -5.32
CA GLU A 93 -26.78 -10.10 -5.20
C GLU A 93 -25.66 -10.71 -4.28
N ARG A 94 -24.45 -10.26 -4.52
CA ARG A 94 -23.33 -10.53 -3.62
C ARG A 94 -23.69 -10.21 -2.16
N ALA A 95 -24.25 -9.04 -1.93
CA ALA A 95 -24.70 -8.67 -0.58
C ALA A 95 -25.72 -9.62 -0.02
N ALA A 96 -26.77 -9.89 -0.79
CA ALA A 96 -27.79 -10.82 -0.28
C ALA A 96 -27.17 -12.18 0.08
N THR A 97 -26.25 -12.68 -0.78
CA THR A 97 -25.57 -13.96 -0.49
C THR A 97 -24.73 -13.88 0.79
N MET A 98 -24.04 -12.78 0.97
CA MET A 98 -23.23 -12.62 2.18
C MET A 98 -24.10 -12.52 3.44
N ARG A 99 -25.23 -11.81 3.35
CA ARG A 99 -26.13 -11.74 4.50
C ARG A 99 -26.71 -13.11 4.87
N LYS A 100 -26.96 -13.95 3.86
CA LYS A 100 -27.32 -15.37 4.08
C LYS A 100 -26.24 -16.15 4.83
N ALA A 101 -24.99 -15.99 4.42
CA ALA A 101 -23.87 -16.62 5.16
C ALA A 101 -23.91 -16.11 6.57
N ALA A 102 -24.15 -14.81 6.72
CA ALA A 102 -24.11 -14.23 8.09
C ALA A 102 -25.13 -14.85 9.03
N ALA A 103 -26.37 -14.99 8.54
CA ALA A 103 -27.48 -15.58 9.34
C ALA A 103 -27.12 -17.02 9.78
N LEU A 104 -26.43 -17.76 8.91
CA LEU A 104 -25.95 -19.10 9.24
C LEU A 104 -24.83 -19.08 10.25
N VAL A 105 -23.93 -18.10 10.17
CA VAL A 105 -22.89 -17.99 11.20
C VAL A 105 -23.53 -17.71 12.56
N ARG A 106 -24.57 -16.86 12.59
CA ARG A 106 -25.25 -16.51 13.83
C ARG A 106 -25.91 -17.75 14.48
N GLU A 107 -26.69 -18.50 13.70
CA GLU A 107 -27.29 -19.77 14.09
C GLU A 107 -26.34 -20.84 14.61
N ARG A 108 -25.17 -20.90 14.01
CA ARG A 108 -24.22 -21.90 14.35
C ARG A 108 -23.18 -21.39 15.30
N ALA A 109 -23.37 -20.20 15.83
CA ALA A 109 -22.35 -19.62 16.71
C ALA A 109 -21.96 -20.45 17.94
N ASP A 110 -22.90 -21.01 18.70
CA ASP A 110 -22.48 -21.90 19.81
C ASP A 110 -21.69 -23.16 19.31
N ALA A 111 -22.13 -23.81 18.25
CA ALA A 111 -21.43 -25.04 17.83
C ALA A 111 -20.00 -24.66 17.38
N ILE A 112 -19.86 -23.53 16.69
CA ILE A 112 -18.55 -23.13 16.19
C ILE A 112 -17.61 -22.74 17.36
N ALA A 113 -18.15 -22.05 18.35
CA ALA A 113 -17.40 -21.66 19.54
C ALA A 113 -16.79 -22.82 20.33
N GLN A 114 -17.48 -23.94 20.35
CA GLN A 114 -17.03 -25.16 21.04
C GLN A 114 -15.86 -25.77 20.33
N LEU A 115 -15.89 -25.68 19.01
CA LEU A 115 -14.73 -26.12 18.24
C LEU A 115 -13.55 -25.22 18.62
N MET A 116 -13.78 -23.92 18.57
CA MET A 116 -12.73 -22.94 18.81
C MET A 116 -12.08 -23.09 20.16
N THR A 117 -12.88 -23.09 21.21
CA THR A 117 -12.34 -23.22 22.59
C THR A 117 -11.39 -24.42 22.73
N GLN A 118 -11.84 -25.57 22.22
CA GLN A 118 -11.07 -26.82 22.22
C GLN A 118 -9.72 -26.73 21.58
N GLU A 119 -9.64 -26.09 20.40
CA GLU A 119 -8.39 -26.06 19.64
C GLU A 119 -7.51 -24.90 20.03
N GLN A 120 -8.10 -23.82 20.61
CA GLN A 120 -7.37 -22.54 20.88
C GLN A 120 -7.18 -22.14 22.34
N GLY A 121 -8.13 -22.51 23.20
CA GLY A 121 -8.03 -22.41 24.66
C GLY A 121 -8.94 -21.33 25.26
N LYS A 122 -9.37 -20.36 24.48
CA LYS A 122 -10.17 -19.27 25.06
C LYS A 122 -11.46 -19.77 25.67
N PRO A 123 -12.01 -19.02 26.61
CA PRO A 123 -13.24 -19.45 27.23
C PRO A 123 -14.38 -19.46 26.25
N LEU A 124 -15.25 -20.41 26.42
CA LEU A 124 -16.40 -20.56 25.57
C LEU A 124 -17.23 -19.27 25.46
N THR A 125 -17.36 -18.57 26.58
CA THR A 125 -18.09 -17.30 26.57
C THR A 125 -17.42 -16.31 25.59
N GLU A 126 -16.09 -16.25 25.59
CA GLU A 126 -15.31 -15.46 24.61
C GLU A 126 -15.40 -15.98 23.19
N ALA A 127 -15.38 -17.30 23.00
CA ALA A 127 -15.51 -17.82 21.66
C ALA A 127 -16.90 -17.43 21.06
N ARG A 128 -17.94 -17.47 21.89
CA ARG A 128 -19.30 -17.19 21.44
C ARG A 128 -19.38 -15.71 20.98
N VAL A 129 -18.83 -14.82 21.79
CA VAL A 129 -18.72 -13.40 21.50
C VAL A 129 -17.99 -13.18 20.13
N GLU A 130 -16.85 -13.86 19.94
CA GLU A 130 -16.12 -13.77 18.68
C GLU A 130 -17.00 -14.17 17.48
N VAL A 131 -17.66 -15.33 17.52
CA VAL A 131 -18.42 -15.77 16.34
C VAL A 131 -19.65 -14.91 16.07
N LEU A 132 -20.34 -14.46 17.11
CA LEU A 132 -21.53 -13.62 16.91
C LEU A 132 -21.13 -12.32 16.26
N SER A 133 -19.95 -11.80 16.56
CA SER A 133 -19.54 -10.55 16.01
C SER A 133 -19.00 -10.76 14.59
N ALA A 134 -18.45 -11.95 14.28
CA ALA A 134 -18.22 -12.31 12.90
C ALA A 134 -19.47 -12.08 11.99
N ALA A 135 -20.63 -12.55 12.40
CA ALA A 135 -21.91 -12.26 11.66
C ALA A 135 -22.25 -10.78 11.48
N ASP A 136 -22.08 -10.02 12.56
CA ASP A 136 -22.15 -8.52 12.45
C ASP A 136 -21.18 -7.89 11.37
N ILE A 137 -19.95 -8.37 11.31
CA ILE A 137 -18.93 -7.88 10.40
C ILE A 137 -19.31 -8.19 8.99
N ILE A 138 -19.59 -9.47 8.72
CA ILE A 138 -20.11 -9.83 7.42
C ILE A 138 -21.25 -8.88 6.95
N GLU A 139 -22.23 -8.61 7.82
CA GLU A 139 -23.41 -7.84 7.41
C GLU A 139 -23.09 -6.42 7.03
N TRP A 140 -22.21 -5.77 7.81
CA TRP A 140 -21.77 -4.43 7.46
C TRP A 140 -21.00 -4.42 6.10
N PHE A 141 -20.09 -5.38 5.88
CA PHE A 141 -19.33 -5.42 4.62
C PHE A 141 -20.19 -5.77 3.43
N ALA A 142 -21.24 -6.57 3.62
CA ALA A 142 -22.17 -6.85 2.53
C ALA A 142 -22.83 -5.59 2.01
N ASP A 143 -23.24 -4.73 2.91
CA ASP A 143 -23.81 -3.44 2.51
C ASP A 143 -22.76 -2.49 2.01
N GLU A 144 -21.57 -2.55 2.55
CA GLU A 144 -20.48 -1.69 2.04
C GLU A 144 -20.20 -1.99 0.56
N GLY A 145 -20.24 -3.25 0.17
CA GLY A 145 -19.94 -3.63 -1.23
C GLY A 145 -20.86 -2.89 -2.22
N ARG A 146 -22.07 -2.56 -1.81
CA ARG A 146 -23.02 -1.81 -2.66
C ARG A 146 -22.67 -0.33 -2.77
N ARG A 147 -21.71 0.17 -1.99
CA ARG A 147 -21.37 1.58 -1.93
C ARG A 147 -19.90 1.86 -2.32
N VAL A 148 -19.32 0.98 -3.13
CA VAL A 148 -18.00 1.16 -3.73
C VAL A 148 -18.24 2.13 -4.88
N TYR A 149 -18.18 3.41 -4.60
CA TYR A 149 -18.54 4.42 -5.59
C TYR A 149 -17.39 4.86 -6.45
N GLY A 150 -17.68 5.07 -7.72
CA GLY A 150 -16.81 5.88 -8.56
C GLY A 150 -17.13 7.35 -8.44
N ARG A 151 -16.42 8.13 -9.24
CA ARG A 151 -16.48 9.58 -9.18
C ARG A 151 -16.52 10.15 -10.59
N ILE A 152 -17.21 11.28 -10.78
CA ILE A 152 -17.20 11.99 -12.05
C ILE A 152 -16.52 13.34 -11.80
N VAL A 153 -15.44 13.62 -12.53
CA VAL A 153 -14.63 14.81 -12.28
C VAL A 153 -14.92 15.94 -13.27
N PRO A 154 -15.21 17.20 -12.80
CA PRO A 154 -15.53 18.27 -13.80
C PRO A 154 -14.38 18.47 -14.77
N PRO A 155 -14.66 18.28 -16.05
CA PRO A 155 -13.59 18.10 -17.01
C PRO A 155 -12.93 19.39 -17.51
N ARG A 156 -11.70 19.29 -18.01
CA ARG A 156 -11.02 20.47 -18.53
C ARG A 156 -11.48 20.85 -19.90
N ASN A 157 -12.07 19.89 -20.60
CA ASN A 157 -12.71 20.06 -21.87
C ASN A 157 -14.14 19.51 -21.77
N LEU A 158 -15.17 20.34 -21.96
CA LEU A 158 -16.56 19.88 -21.82
C LEU A 158 -17.02 18.80 -22.82
N GLY A 159 -16.31 18.68 -23.93
CA GLY A 159 -16.51 17.59 -24.84
C GLY A 159 -16.08 16.22 -24.35
N ALA A 160 -15.28 16.12 -23.28
CA ALA A 160 -14.97 14.81 -22.67
C ALA A 160 -15.73 14.49 -21.36
N GLN A 161 -15.80 13.20 -21.02
CA GLN A 161 -16.26 12.70 -19.75
C GLN A 161 -15.04 12.09 -19.04
N GLN A 162 -14.78 12.59 -17.82
CA GLN A 162 -13.71 12.12 -17.00
C GLN A 162 -14.30 11.36 -15.77
N THR A 163 -13.97 10.08 -15.65
CA THR A 163 -14.50 9.24 -14.55
C THR A 163 -13.38 8.48 -13.84
N VAL A 164 -13.66 8.09 -12.58
CA VAL A 164 -12.81 7.22 -11.78
C VAL A 164 -13.65 6.02 -11.43
N VAL A 165 -13.30 4.85 -11.98
CA VAL A 165 -14.02 3.60 -11.68
C VAL A 165 -13.18 2.74 -10.74
N LYS A 166 -13.88 2.03 -9.86
CA LYS A 166 -13.26 1.16 -8.88
C LYS A 166 -13.58 -0.26 -9.32
N GLU A 167 -12.62 -1.18 -9.33
CA GLU A 167 -12.94 -2.53 -9.69
C GLU A 167 -12.08 -3.50 -8.88
N PRO A 168 -12.50 -4.77 -8.77
CA PRO A 168 -11.73 -5.67 -7.90
C PRO A 168 -10.30 -5.96 -8.42
N VAL A 169 -9.33 -6.08 -7.53
CA VAL A 169 -7.95 -6.31 -7.91
C VAL A 169 -7.73 -7.73 -8.48
N GLY A 170 -8.44 -8.71 -7.94
CA GLY A 170 -8.32 -10.08 -8.38
C GLY A 170 -8.18 -11.06 -7.23
N PRO A 171 -7.63 -12.24 -7.52
CA PRO A 171 -7.46 -13.26 -6.48
C PRO A 171 -6.51 -12.82 -5.36
N VAL A 172 -6.97 -13.06 -4.13
CA VAL A 172 -6.37 -12.69 -2.93
C VAL A 172 -5.83 -13.94 -2.24
N ALA A 173 -4.64 -13.88 -1.66
CA ALA A 173 -4.09 -14.96 -0.79
C ALA A 173 -4.04 -14.37 0.60
N ALA A 174 -4.65 -15.04 1.58
CA ALA A 174 -4.73 -14.53 2.95
C ALA A 174 -4.08 -15.55 3.86
N PHE A 175 -3.40 -15.06 4.88
CA PHE A 175 -2.67 -15.87 5.86
C PHE A 175 -3.11 -15.31 7.20
N THR A 176 -3.74 -16.13 8.04
CA THR A 176 -4.40 -15.65 9.26
C THR A 176 -3.90 -16.48 10.44
N PRO A 177 -3.83 -15.85 11.66
CA PRO A 177 -3.14 -16.54 12.75
C PRO A 177 -4.20 -17.11 13.70
N TRP A 178 -3.77 -17.63 14.85
CA TRP A 178 -4.60 -18.46 15.75
C TRP A 178 -5.35 -17.75 16.88
N ASN A 179 -5.00 -16.53 17.16
CA ASN A 179 -5.54 -15.89 18.32
C ASN A 179 -7.04 -15.63 18.23
N PHE A 180 -7.52 -15.20 17.09
CA PHE A 180 -8.98 -15.18 16.82
C PHE A 180 -9.22 -15.98 15.53
N PRO A 181 -9.30 -17.32 15.62
CA PRO A 181 -9.36 -18.11 14.38
C PRO A 181 -10.42 -17.60 13.38
N VAL A 182 -11.62 -17.25 13.88
CA VAL A 182 -12.71 -16.83 13.01
C VAL A 182 -12.59 -15.35 12.63
N ASN A 183 -12.45 -14.46 13.62
CA ASN A 183 -12.47 -13.01 13.27
C ASN A 183 -11.29 -12.51 12.40
N GLN A 184 -10.15 -13.18 12.43
CA GLN A 184 -9.09 -12.76 11.51
C GLN A 184 -9.23 -13.25 10.08
N VAL A 185 -10.04 -14.27 9.85
CA VAL A 185 -10.46 -14.64 8.54
C VAL A 185 -11.60 -13.71 8.12
N VAL A 186 -12.57 -13.45 9.01
CA VAL A 186 -13.83 -12.88 8.55
C VAL A 186 -13.77 -11.48 7.92
N ARG A 187 -12.92 -10.61 8.41
CA ARG A 187 -12.76 -9.27 7.83
C ARG A 187 -12.11 -9.29 6.43
N LYS A 188 -11.06 -10.08 6.30
CA LYS A 188 -10.40 -10.24 5.04
C LYS A 188 -11.33 -10.86 3.97
N LEU A 189 -11.93 -11.98 4.31
CA LEU A 189 -12.90 -12.61 3.48
C LEU A 189 -14.08 -11.67 3.13
N SER A 190 -14.62 -10.95 4.09
CA SER A 190 -15.78 -10.11 3.80
C SER A 190 -15.45 -9.01 2.85
N ALA A 191 -14.29 -8.41 3.01
CA ALA A 191 -13.87 -7.29 2.14
C ALA A 191 -13.57 -7.70 0.71
N ALA A 192 -12.87 -8.83 0.59
CA ALA A 192 -12.65 -9.48 -0.71
C ALA A 192 -13.99 -9.77 -1.45
N LEU A 193 -14.88 -10.42 -0.74
CA LEU A 193 -16.16 -10.80 -1.29
C LEU A 193 -17.05 -9.60 -1.67
N ALA A 194 -16.96 -8.51 -0.90
CA ALA A 194 -17.80 -7.32 -1.13
C ALA A 194 -17.33 -6.54 -2.35
N THR A 195 -16.06 -6.72 -2.73
CA THR A 195 -15.45 -6.04 -3.85
C THR A 195 -15.52 -6.80 -5.18
N GLY A 196 -15.71 -8.10 -5.11
CA GLY A 196 -15.77 -8.96 -6.31
C GLY A 196 -14.55 -9.83 -6.45
N CYS A 197 -13.62 -9.80 -5.52
CA CYS A 197 -12.44 -10.67 -5.54
C CYS A 197 -12.77 -12.11 -5.18
N SER A 198 -11.93 -13.06 -5.63
CA SER A 198 -11.90 -14.41 -5.04
C SER A 198 -10.89 -14.45 -3.88
N PHE A 199 -10.89 -15.55 -3.15
CA PHE A 199 -10.25 -15.54 -1.84
C PHE A 199 -9.72 -16.92 -1.52
N LEU A 200 -8.48 -16.99 -1.12
CA LEU A 200 -7.83 -18.25 -0.81
C LEU A 200 -7.02 -18.01 0.45
N VAL A 201 -7.46 -18.63 1.54
CA VAL A 201 -6.90 -18.40 2.85
C VAL A 201 -6.17 -19.65 3.36
N LYS A 202 -4.96 -19.46 3.88
CA LYS A 202 -4.27 -20.43 4.69
C LYS A 202 -4.57 -20.10 6.14
N ALA A 203 -5.29 -20.96 6.82
CA ALA A 203 -5.63 -20.73 8.21
C ALA A 203 -4.70 -21.55 9.10
N PRO A 204 -4.83 -21.38 10.44
CA PRO A 204 -3.83 -21.97 11.29
C PRO A 204 -4.04 -23.46 11.48
N GLU A 205 -2.95 -24.18 11.35
CA GLU A 205 -2.93 -25.61 11.57
C GLU A 205 -3.30 -25.98 12.98
N GLU A 206 -2.96 -25.14 13.93
CA GLU A 206 -3.29 -25.35 15.35
C GLU A 206 -4.73 -24.96 15.72
N THR A 207 -5.44 -24.20 14.90
CA THR A 207 -6.83 -23.88 15.19
C THR A 207 -7.66 -24.00 13.97
N PRO A 208 -7.77 -25.22 13.39
CA PRO A 208 -8.29 -25.19 12.00
C PRO A 208 -9.80 -25.34 11.82
N ALA A 209 -10.50 -25.94 12.79
CA ALA A 209 -11.91 -26.28 12.65
C ALA A 209 -12.91 -25.09 12.68
N SER A 210 -12.67 -24.11 13.54
CA SER A 210 -13.57 -22.95 13.59
C SER A 210 -13.43 -21.99 12.34
N PRO A 211 -12.20 -21.83 11.78
CA PRO A 211 -12.20 -21.13 10.48
C PRO A 211 -12.89 -21.90 9.35
N ALA A 212 -12.83 -23.24 9.37
CA ALA A 212 -13.46 -24.05 8.35
C ALA A 212 -14.96 -24.00 8.51
N ALA A 213 -15.44 -23.99 9.74
CA ALA A 213 -16.88 -23.78 9.96
C ALA A 213 -17.40 -22.44 9.42
N LEU A 214 -16.56 -21.40 9.49
CA LEU A 214 -16.91 -20.11 8.92
C LEU A 214 -17.12 -20.15 7.40
N LEU A 215 -16.15 -20.69 6.69
CA LEU A 215 -16.22 -20.87 5.25
C LEU A 215 -17.35 -21.82 4.84
N ARG A 216 -17.63 -22.84 5.65
CA ARG A 216 -18.75 -23.74 5.37
C ARG A 216 -20.05 -22.95 5.30
N ALA A 217 -20.26 -21.96 6.20
CA ALA A 217 -21.43 -21.09 6.13
C ALA A 217 -21.57 -20.38 4.79
N PHE A 218 -20.43 -19.96 4.22
CA PHE A 218 -20.43 -19.28 2.94
C PHE A 218 -20.74 -20.22 1.80
N VAL A 219 -20.23 -21.45 1.85
CA VAL A 219 -20.54 -22.44 0.84
C VAL A 219 -22.05 -22.76 0.91
N ASP A 220 -22.60 -22.93 2.12
CA ASP A 220 -24.01 -23.27 2.30
C ASP A 220 -24.95 -22.11 1.88
N ALA A 221 -24.51 -20.87 2.04
CA ALA A 221 -25.22 -19.70 1.61
C ALA A 221 -25.22 -19.47 0.07
N GLY A 222 -24.38 -20.19 -0.68
CA GLY A 222 -24.41 -20.13 -2.14
C GLY A 222 -23.27 -19.38 -2.84
N VAL A 223 -22.20 -19.01 -2.11
CA VAL A 223 -21.01 -18.50 -2.78
C VAL A 223 -20.46 -19.60 -3.75
N PRO A 224 -20.37 -19.31 -5.06
CA PRO A 224 -20.05 -20.38 -6.01
C PRO A 224 -18.64 -20.93 -5.88
N ALA A 225 -18.45 -22.06 -6.54
CA ALA A 225 -17.31 -22.92 -6.39
C ALA A 225 -16.12 -22.14 -6.84
N GLY A 226 -15.06 -22.19 -6.05
CA GLY A 226 -13.87 -21.43 -6.31
C GLY A 226 -13.73 -19.99 -5.91
N VAL A 227 -14.83 -19.34 -5.50
CA VAL A 227 -14.73 -17.97 -4.99
C VAL A 227 -13.97 -17.92 -3.70
N ILE A 228 -14.10 -18.97 -2.94
CA ILE A 228 -13.42 -19.16 -1.67
C ILE A 228 -12.66 -20.45 -1.68
N GLY A 229 -11.49 -20.43 -1.10
CA GLY A 229 -10.68 -21.61 -0.92
C GLY A 229 -10.05 -21.59 0.44
N LEU A 230 -9.77 -22.75 1.00
CA LEU A 230 -9.15 -22.84 2.34
C LEU A 230 -8.13 -23.97 2.35
N VAL A 231 -6.92 -23.70 2.81
CA VAL A 231 -5.88 -24.70 2.91
C VAL A 231 -5.11 -24.54 4.20
N TYR A 232 -4.44 -25.63 4.57
CA TYR A 232 -3.66 -25.84 5.78
C TYR A 232 -2.42 -26.61 5.30
N GLY A 233 -1.30 -26.46 6.00
CA GLY A 233 -0.14 -27.32 5.81
C GLY A 233 1.11 -26.69 6.41
N ASP A 234 2.19 -26.64 5.62
CA ASP A 234 3.51 -26.16 6.06
C ASP A 234 3.45 -24.69 5.73
N PRO A 235 3.42 -23.81 6.75
CA PRO A 235 3.24 -22.37 6.50
C PRO A 235 4.23 -21.74 5.51
N ALA A 236 5.53 -22.11 5.58
CA ALA A 236 6.57 -21.53 4.69
C ALA A 236 6.46 -21.98 3.21
N GLU A 237 6.30 -23.28 3.03
CA GLU A 237 5.98 -23.86 1.72
C GLU A 237 4.73 -23.18 1.08
N ILE A 238 3.64 -22.98 1.82
CA ILE A 238 2.42 -22.38 1.22
C ILE A 238 2.59 -20.90 0.83
N SER A 239 3.04 -20.06 1.76
CA SER A 239 3.30 -18.66 1.47
C SER A 239 4.41 -18.40 0.39
N SER A 240 5.50 -19.19 0.37
CA SER A 240 6.49 -19.14 -0.73
C SER A 240 5.94 -19.55 -2.06
N TYR A 241 4.91 -20.39 -2.07
CA TYR A 241 4.32 -20.71 -3.36
C TYR A 241 3.21 -19.78 -3.82
N LEU A 242 2.28 -19.41 -2.94
CA LEU A 242 1.16 -18.57 -3.31
C LEU A 242 1.56 -17.15 -3.69
N ILE A 243 2.48 -16.53 -2.94
CA ILE A 243 2.76 -15.10 -3.12
C ILE A 243 3.41 -14.76 -4.46
N PRO A 244 4.40 -15.60 -4.93
CA PRO A 244 4.92 -15.31 -6.26
C PRO A 244 4.03 -15.70 -7.43
N HIS A 245 2.95 -16.42 -7.22
CA HIS A 245 2.26 -17.10 -8.34
C HIS A 245 1.36 -16.12 -9.11
N PRO A 246 1.36 -16.20 -10.43
CA PRO A 246 0.75 -15.13 -11.20
C PRO A 246 -0.77 -14.99 -11.08
N VAL A 247 -1.47 -16.01 -10.58
CA VAL A 247 -2.92 -15.88 -10.29
C VAL A 247 -3.20 -14.88 -9.18
N ILE A 248 -2.32 -14.82 -8.21
CA ILE A 248 -2.54 -14.02 -7.03
C ILE A 248 -2.17 -12.59 -7.36
N ARG A 249 -3.14 -11.67 -7.18
CA ARG A 249 -2.89 -10.21 -7.39
C ARG A 249 -2.76 -9.41 -6.09
N LYS A 250 -3.08 -10.01 -4.94
CA LYS A 250 -3.15 -9.26 -3.70
C LYS A 250 -2.90 -10.22 -2.58
N VAL A 251 -2.14 -9.79 -1.58
CA VAL A 251 -1.71 -10.61 -0.46
C VAL A 251 -2.09 -9.88 0.84
N THR A 252 -2.56 -10.63 1.81
CA THR A 252 -2.88 -10.05 3.07
C THR A 252 -2.45 -10.99 4.19
N PHE A 253 -1.78 -10.43 5.18
CA PHE A 253 -1.25 -11.17 6.28
C PHE A 253 -1.54 -10.46 7.60
N THR A 254 -1.92 -11.25 8.57
CA THR A 254 -1.97 -10.82 9.93
C THR A 254 -1.16 -11.79 10.73
N GLY A 255 -0.27 -11.30 11.59
CA GLY A 255 0.62 -12.17 12.39
C GLY A 255 1.73 -11.33 13.02
N SER A 256 2.87 -11.98 13.26
CA SER A 256 3.98 -11.35 13.94
C SER A 256 4.73 -10.45 12.99
N THR A 257 5.31 -9.40 13.56
CA THR A 257 6.09 -8.44 12.86
C THR A 257 7.29 -9.04 12.09
N PRO A 258 8.07 -9.96 12.69
CA PRO A 258 9.16 -10.52 11.89
C PRO A 258 8.68 -11.41 10.70
N VAL A 259 7.63 -12.21 10.87
CA VAL A 259 7.08 -12.99 9.77
C VAL A 259 6.51 -12.04 8.68
N GLY A 260 5.82 -10.96 9.06
CA GLY A 260 5.30 -10.03 8.07
C GLY A 260 6.37 -9.37 7.20
N LYS A 261 7.51 -9.07 7.83
CA LYS A 261 8.60 -8.45 7.15
C LYS A 261 9.10 -9.36 6.08
N GLN A 262 9.29 -10.62 6.46
CA GLN A 262 9.60 -11.63 5.44
C GLN A 262 8.51 -11.72 4.33
N LEU A 263 7.21 -11.74 4.66
CA LEU A 263 6.20 -11.88 3.58
C LEU A 263 6.08 -10.62 2.74
N ALA A 264 6.17 -9.43 3.36
CA ALA A 264 6.08 -8.15 2.61
C ALA A 264 7.29 -7.95 1.70
N SER A 265 8.42 -8.50 2.11
CA SER A 265 9.57 -8.52 1.28
C SER A 265 9.33 -9.43 0.08
N LEU A 266 8.84 -10.66 0.28
CA LEU A 266 8.52 -11.51 -0.89
C LEU A 266 7.46 -10.87 -1.82
N ALA A 267 6.40 -10.33 -1.25
CA ALA A 267 5.38 -9.69 -2.05
C ALA A 267 5.92 -8.53 -2.89
N GLY A 268 6.87 -7.78 -2.32
CA GLY A 268 7.43 -6.63 -3.02
C GLY A 268 8.29 -7.08 -4.20
N LEU A 269 9.08 -8.14 -3.97
CA LEU A 269 9.90 -8.75 -5.04
C LEU A 269 9.07 -9.25 -6.23
N HIS A 270 7.82 -9.68 -6.01
CA HIS A 270 6.94 -10.06 -7.12
C HIS A 270 5.84 -9.02 -7.43
N MET A 271 6.08 -7.81 -6.96
CA MET A 271 5.20 -6.64 -7.11
C MET A 271 3.69 -6.91 -6.87
N LYS A 272 3.38 -7.56 -5.75
CA LYS A 272 2.00 -7.92 -5.44
C LYS A 272 1.46 -6.88 -4.43
N ARG A 273 0.23 -6.37 -4.61
CA ARG A 273 -0.42 -5.52 -3.57
C ARG A 273 -0.42 -6.25 -2.23
N ALA A 274 -0.10 -5.56 -1.14
CA ALA A 274 -0.01 -6.21 0.17
C ALA A 274 -0.58 -5.35 1.32
N THR A 275 -1.25 -5.99 2.28
CA THR A 275 -1.57 -5.35 3.53
C THR A 275 -1.06 -6.29 4.60
N MET A 276 -0.76 -5.68 5.75
CA MET A 276 -0.07 -6.30 6.87
C MET A 276 -0.70 -5.78 8.16
N GLU A 277 -1.13 -6.68 9.03
CA GLU A 277 -1.57 -6.33 10.40
C GLU A 277 -0.69 -7.13 11.39
N LEU A 278 0.13 -6.42 12.18
CA LEU A 278 1.30 -7.06 12.83
C LEU A 278 1.22 -6.89 14.34
N GLY A 279 2.33 -7.06 15.02
CA GLY A 279 2.44 -6.78 16.45
C GLY A 279 2.02 -5.37 16.87
N GLY A 280 1.44 -5.27 18.07
CA GLY A 280 1.21 -4.01 18.78
C GLY A 280 1.97 -4.03 20.12
N HIS A 281 1.98 -2.88 20.82
CA HIS A 281 2.49 -2.81 22.18
C HIS A 281 1.74 -1.66 22.88
N ALA A 282 0.45 -1.90 23.12
CA ALA A 282 -0.47 -0.81 23.38
C ALA A 282 -0.16 -0.08 24.67
N PRO A 283 0.04 1.23 24.63
CA PRO A 283 0.14 1.99 25.90
C PRO A 283 -1.22 2.22 26.49
N VAL A 284 -1.29 2.24 27.81
CA VAL A 284 -2.45 2.79 28.53
C VAL A 284 -2.06 4.03 29.32
N ILE A 285 -2.56 5.22 28.95
CA ILE A 285 -2.30 6.43 29.71
C ILE A 285 -3.44 6.77 30.71
N VAL A 286 -3.21 6.61 32.02
CA VAL A 286 -4.15 6.95 33.07
C VAL A 286 -3.75 8.35 33.62
N ALA A 287 -4.44 9.40 33.13
CA ALA A 287 -4.12 10.77 33.53
C ALA A 287 -4.53 11.06 34.97
N GLU A 288 -4.01 12.15 35.52
CA GLU A 288 -4.30 12.56 36.91
C GLU A 288 -5.81 12.73 37.23
N ASP A 289 -6.57 13.18 36.24
CA ASP A 289 -8.05 13.38 36.41
C ASP A 289 -8.87 12.12 36.07
N ALA A 290 -8.20 10.97 35.91
CA ALA A 290 -8.89 9.71 35.56
C ALA A 290 -9.82 9.20 36.66
N ASP A 291 -10.94 8.57 36.27
CA ASP A 291 -11.69 7.63 37.13
C ASP A 291 -10.91 6.28 37.22
N VAL A 292 -10.46 5.92 38.42
CA VAL A 292 -9.55 4.79 38.58
C VAL A 292 -10.24 3.43 38.46
N ALA A 293 -11.38 3.30 39.14
CA ALA A 293 -12.22 2.11 39.06
C ALA A 293 -12.51 1.80 37.59
N LEU A 294 -12.85 2.84 36.83
CA LEU A 294 -13.14 2.70 35.40
C LEU A 294 -11.92 2.23 34.59
N ALA A 295 -10.78 2.88 34.80
CA ALA A 295 -9.55 2.49 34.13
C ALA A 295 -9.27 1.02 34.34
N VAL A 296 -9.34 0.58 35.61
CA VAL A 296 -9.03 -0.79 36.02
C VAL A 296 -10.03 -1.75 35.40
N LYS A 297 -11.32 -1.42 35.49
CA LYS A 297 -12.37 -2.24 34.92
C LYS A 297 -12.20 -2.36 33.39
N ALA A 298 -11.91 -1.25 32.71
CA ALA A 298 -11.86 -1.21 31.26
C ALA A 298 -10.54 -1.76 30.66
N ALA A 299 -9.41 -1.30 31.16
CA ALA A 299 -8.11 -1.73 30.63
C ALA A 299 -7.66 -3.06 31.18
N GLY A 300 -7.96 -3.31 32.46
CA GLY A 300 -7.70 -4.60 33.10
C GLY A 300 -8.53 -5.74 32.53
N GLY A 301 -9.84 -5.53 32.41
CA GLY A 301 -10.68 -6.47 31.65
C GLY A 301 -10.07 -6.76 30.28
N ALA A 302 -9.74 -5.71 29.52
CA ALA A 302 -9.17 -5.84 28.17
C ALA A 302 -7.82 -6.57 28.17
N LYS A 303 -7.01 -6.32 29.18
CA LYS A 303 -5.67 -6.95 29.24
C LYS A 303 -5.79 -8.49 29.23
N PHE A 304 -6.77 -9.03 29.96
CA PHE A 304 -6.81 -10.49 30.19
C PHE A 304 -7.78 -11.24 29.23
N ARG A 305 -8.54 -10.49 28.44
CA ARG A 305 -9.26 -10.98 27.29
C ARG A 305 -8.35 -11.86 26.40
N ASN A 306 -8.82 -13.04 26.09
CA ASN A 306 -8.07 -14.05 25.30
C ASN A 306 -6.65 -14.24 25.87
N ALA A 307 -6.55 -14.22 27.19
CA ALA A 307 -5.26 -14.29 27.92
C ALA A 307 -4.16 -13.36 27.39
N GLY A 308 -4.55 -12.15 27.01
CA GLY A 308 -3.59 -11.19 26.47
C GLY A 308 -3.08 -11.46 25.06
N GLN A 309 -3.64 -12.47 24.38
CA GLN A 309 -3.13 -12.91 23.07
C GLN A 309 -3.82 -12.13 21.94
N VAL A 310 -3.61 -10.81 21.94
CA VAL A 310 -4.34 -9.90 21.08
C VAL A 310 -3.37 -8.82 20.63
N CYS A 311 -3.39 -8.53 19.35
CA CYS A 311 -2.56 -7.48 18.84
C CYS A 311 -2.88 -6.12 19.48
N ILE A 312 -4.11 -5.91 19.95
CA ILE A 312 -4.51 -4.66 20.63
C ILE A 312 -4.57 -4.66 22.18
N SER A 313 -4.00 -5.70 22.80
CA SER A 313 -4.09 -5.87 24.26
C SER A 313 -3.25 -4.79 25.00
N PRO A 314 -3.87 -4.08 25.96
CA PRO A 314 -3.12 -3.04 26.68
C PRO A 314 -1.96 -3.66 27.42
N THR A 315 -0.74 -3.16 27.23
CA THR A 315 0.44 -3.80 27.85
C THR A 315 1.19 -2.83 28.79
N ARG A 316 1.53 -1.65 28.29
CA ARG A 316 2.31 -0.72 29.05
C ARG A 316 1.36 0.27 29.71
N PHE A 317 1.13 0.08 30.99
CA PHE A 317 0.28 0.96 31.78
C PHE A 317 1.11 2.15 32.27
N LEU A 318 0.78 3.34 31.81
CA LEU A 318 1.48 4.52 32.22
C LEU A 318 0.48 5.26 33.05
N VAL A 319 0.73 5.26 34.37
CA VAL A 319 -0.25 5.78 35.34
C VAL A 319 0.37 6.99 36.08
N HIS A 320 -0.42 8.05 36.20
CA HIS A 320 0.04 9.25 36.85
C HIS A 320 0.42 8.92 38.28
N ASN A 321 1.56 9.46 38.75
CA ASN A 321 2.09 9.08 40.09
C ASN A 321 1.11 9.18 41.27
N SER A 322 0.24 10.20 41.22
CA SER A 322 -0.79 10.43 42.23
C SER A 322 -1.71 9.26 42.48
N ILE A 323 -1.94 8.41 41.46
CA ILE A 323 -2.85 7.26 41.59
C ILE A 323 -2.23 5.93 41.19
N ARG A 324 -0.92 5.87 41.01
CA ARG A 324 -0.21 4.69 40.50
C ARG A 324 -0.34 3.47 41.39
N ASP A 325 -0.13 3.68 42.68
CA ASP A 325 -0.23 2.63 43.69
C ASP A 325 -1.66 2.11 43.78
N GLU A 326 -2.64 3.01 43.87
CA GLU A 326 -4.06 2.61 43.90
C GLU A 326 -4.48 1.77 42.66
N PHE A 327 -4.01 2.17 41.47
CA PHE A 327 -4.23 1.45 40.25
C PHE A 327 -3.58 0.09 40.30
N THR A 328 -2.33 0.06 40.76
CA THR A 328 -1.60 -1.22 40.77
C THR A 328 -2.28 -2.22 41.67
N ARG A 329 -2.74 -1.80 42.85
CA ARG A 329 -3.47 -2.75 43.74
C ARG A 329 -4.80 -3.27 43.11
N ALA A 330 -5.52 -2.37 42.39
CA ALA A 330 -6.85 -2.73 41.87
C ALA A 330 -6.72 -3.67 40.71
N LEU A 331 -5.69 -3.47 39.90
CA LEU A 331 -5.30 -4.46 38.86
C LEU A 331 -4.91 -5.80 39.40
N VAL A 332 -4.11 -5.79 40.44
CA VAL A 332 -3.77 -7.05 41.12
C VAL A 332 -5.06 -7.78 41.57
N LYS A 333 -5.96 -7.06 42.25
CA LYS A 333 -7.28 -7.57 42.67
C LYS A 333 -8.10 -8.15 41.47
N HIS A 334 -8.16 -7.45 40.35
CA HIS A 334 -8.76 -8.03 39.12
C HIS A 334 -8.07 -9.33 38.59
N ALA A 335 -6.76 -9.37 38.45
CA ALA A 335 -6.04 -10.56 38.02
C ALA A 335 -6.32 -11.77 38.89
N GLU A 336 -6.26 -11.57 40.20
CA GLU A 336 -6.53 -12.65 41.20
C GLU A 336 -7.97 -13.16 41.25
N GLY A 337 -8.94 -12.37 40.74
CA GLY A 337 -10.35 -12.77 40.65
C GLY A 337 -10.68 -13.59 39.40
N LEU A 338 -9.71 -13.78 38.48
CA LEU A 338 -9.94 -14.56 37.27
C LEU A 338 -10.02 -16.03 37.61
N LYS A 339 -10.93 -16.72 36.97
CA LYS A 339 -11.09 -18.13 37.25
C LYS A 339 -10.36 -18.88 36.11
N VAL A 340 -9.19 -19.38 36.41
CA VAL A 340 -8.38 -20.16 35.51
C VAL A 340 -8.96 -21.55 35.41
N GLY A 341 -9.04 -22.09 34.19
CA GLY A 341 -9.64 -23.42 33.94
C GLY A 341 -9.80 -23.78 32.48
N ASN A 342 -10.30 -24.98 32.21
CA ASN A 342 -10.58 -25.43 30.87
C ASN A 342 -11.70 -24.50 30.38
N GLY A 343 -11.55 -24.02 29.13
CA GLY A 343 -12.46 -23.03 28.57
C GLY A 343 -13.90 -23.48 28.41
N LEU A 344 -14.14 -24.80 28.36
CA LEU A 344 -15.49 -25.37 28.24
C LEU A 344 -16.34 -25.22 29.51
N GLU A 345 -15.73 -24.98 30.67
CA GLU A 345 -16.51 -24.64 31.88
C GLU A 345 -17.02 -23.21 31.61
N GLU A 346 -18.32 -22.98 31.79
CA GLU A 346 -18.89 -21.65 31.50
C GLU A 346 -18.29 -20.56 32.41
N GLY A 347 -17.98 -20.92 33.66
CA GLY A 347 -17.37 -20.00 34.65
C GLY A 347 -15.91 -19.59 34.45
N THR A 348 -15.15 -20.33 33.63
CA THR A 348 -13.74 -20.02 33.30
C THR A 348 -13.63 -18.66 32.64
N THR A 349 -12.80 -17.76 33.19
CA THR A 349 -12.60 -16.43 32.58
C THR A 349 -11.16 -16.22 32.10
N LEU A 350 -10.23 -17.16 32.38
CA LEU A 350 -8.90 -17.18 31.79
C LEU A 350 -8.65 -18.63 31.43
N GLY A 351 -8.47 -18.86 30.14
CA GLY A 351 -8.21 -20.20 29.66
C GLY A 351 -6.74 -20.51 29.61
N ALA A 352 -6.40 -21.63 28.98
CA ALA A 352 -4.99 -21.97 28.75
C ALA A 352 -4.43 -21.13 27.60
N LEU A 353 -3.14 -20.88 27.59
CA LEU A 353 -2.50 -20.27 26.41
C LEU A 353 -2.54 -21.21 25.22
N ALA A 354 -2.51 -20.64 24.02
CA ALA A 354 -2.85 -21.34 22.81
C ALA A 354 -1.91 -22.50 22.45
N ASN A 355 -0.70 -22.50 22.99
CA ASN A 355 0.29 -23.52 22.58
C ASN A 355 1.54 -23.43 23.42
N PRO A 356 2.40 -24.48 23.41
CA PRO A 356 3.49 -24.53 24.38
C PRO A 356 4.55 -23.44 24.27
N ARG A 357 4.70 -22.79 23.12
CA ARG A 357 5.70 -21.72 22.96
C ARG A 357 5.34 -20.46 23.73
N ARG A 358 4.05 -20.26 23.90
CA ARG A 358 3.53 -19.17 24.75
C ARG A 358 4.00 -19.33 26.19
N LEU A 359 4.01 -20.55 26.73
CA LEU A 359 4.62 -20.76 28.07
C LEU A 359 6.10 -20.37 28.11
N THR A 360 6.88 -20.91 27.21
CA THR A 360 8.29 -20.56 27.08
C THR A 360 8.46 -19.04 26.99
N ALA A 361 7.71 -18.37 26.13
CA ALA A 361 7.85 -16.93 26.00
C ALA A 361 7.42 -16.21 27.30
N MET A 362 6.36 -16.68 27.98
CA MET A 362 5.95 -16.01 29.24
C MET A 362 6.99 -16.22 30.33
N ALA A 363 7.56 -17.43 30.42
CA ALA A 363 8.68 -17.71 31.34
C ALA A 363 9.83 -16.75 31.07
N SER A 364 10.21 -16.62 29.82
CA SER A 364 11.29 -15.67 29.49
C SER A 364 10.99 -14.18 29.88
N VAL A 365 9.80 -13.67 29.54
CA VAL A 365 9.42 -12.27 29.91
C VAL A 365 9.47 -12.02 31.42
N ILE A 366 8.95 -12.96 32.20
CA ILE A 366 8.93 -12.83 33.67
C ILE A 366 10.35 -12.94 34.31
N ASP A 367 11.18 -13.85 33.82
CA ASP A 367 12.60 -13.95 34.23
C ASP A 367 13.36 -12.63 34.06
N ASN A 368 13.28 -12.10 32.84
CA ASN A 368 13.92 -10.85 32.54
C ASN A 368 13.42 -9.73 33.44
N ALA A 369 12.11 -9.67 33.70
CA ALA A 369 11.59 -8.68 34.63
C ALA A 369 12.25 -8.78 36.04
N ARG A 370 12.26 -9.99 36.60
CA ARG A 370 12.86 -10.19 37.92
C ARG A 370 14.34 -9.75 37.93
N LYS A 371 15.09 -10.32 36.98
CA LYS A 371 16.49 -9.95 36.71
C LYS A 371 16.79 -8.44 36.59
N VAL A 372 15.93 -7.65 35.93
CA VAL A 372 16.21 -6.20 35.87
C VAL A 372 15.69 -5.37 37.07
N GLY A 373 15.16 -5.98 38.12
CA GLY A 373 14.73 -5.29 39.33
C GLY A 373 13.25 -4.90 39.37
N ALA A 374 12.42 -5.43 38.45
CA ALA A 374 10.96 -5.16 38.51
C ALA A 374 10.37 -6.01 39.62
N SER A 375 9.20 -5.62 40.12
CA SER A 375 8.51 -6.44 41.13
C SER A 375 7.35 -7.23 40.51
N ILE A 376 7.27 -8.52 40.82
CA ILE A 376 6.17 -9.33 40.34
C ILE A 376 5.11 -9.18 41.41
N GLU A 377 4.05 -8.42 41.14
CA GLU A 377 3.00 -8.09 42.12
C GLU A 377 2.03 -9.23 42.40
N THR A 378 1.70 -9.99 41.35
CA THR A 378 0.90 -11.23 41.43
C THR A 378 1.24 -12.16 40.26
N GLY A 379 1.05 -13.47 40.43
CA GLY A 379 1.20 -14.42 39.33
C GLY A 379 2.68 -14.74 39.07
N GLY A 380 3.04 -14.89 37.80
CA GLY A 380 4.42 -15.02 37.38
C GLY A 380 4.94 -16.42 37.14
N GLU A 381 4.00 -17.36 37.15
CA GLU A 381 4.24 -18.79 37.14
C GLU A 381 3.22 -19.57 36.32
N ARG A 382 3.73 -20.65 35.74
CA ARG A 382 2.92 -21.74 35.22
C ARG A 382 2.04 -22.34 36.32
N ILE A 383 0.83 -22.77 35.95
CA ILE A 383 -0.11 -23.37 36.89
C ILE A 383 -0.26 -24.80 36.47
N GLY A 384 -0.05 -25.75 37.38
CA GLY A 384 -0.14 -27.21 37.07
C GLY A 384 1.05 -27.61 36.22
N SER A 385 1.03 -28.84 35.69
CA SER A 385 2.08 -29.40 34.80
C SER A 385 1.50 -30.12 33.56
N GLU A 386 0.26 -29.73 33.21
CA GLU A 386 -0.48 -30.23 32.07
C GLU A 386 -1.21 -29.04 31.41
N GLY A 387 -1.19 -29.00 30.09
CA GLY A 387 -1.77 -27.90 29.35
C GLY A 387 -0.89 -26.67 29.42
N ASN A 388 -1.40 -25.53 28.96
CA ASN A 388 -0.59 -24.32 28.89
C ASN A 388 -1.13 -23.24 29.77
N PHE A 389 -1.38 -23.54 31.03
CA PHE A 389 -1.93 -22.54 31.93
C PHE A 389 -0.78 -21.70 32.54
N PHE A 390 -0.89 -20.38 32.36
CA PHE A 390 0.02 -19.44 33.00
C PHE A 390 -0.82 -18.46 33.78
N ALA A 391 -0.26 -18.01 34.88
CA ALA A 391 -0.96 -17.20 35.84
C ALA A 391 -1.02 -15.78 35.40
N PRO A 392 -2.18 -15.11 35.61
CA PRO A 392 -2.30 -13.70 35.24
C PRO A 392 -1.35 -12.93 36.09
N THR A 393 -0.55 -12.06 35.47
CA THR A 393 0.64 -11.49 36.08
C THR A 393 0.65 -9.96 35.96
N VAL A 394 1.01 -9.25 37.05
CA VAL A 394 1.12 -7.81 37.03
C VAL A 394 2.54 -7.46 37.53
N ILE A 395 3.31 -6.70 36.72
CA ILE A 395 4.67 -6.28 37.01
C ILE A 395 4.63 -4.76 37.24
N ALA A 396 5.25 -4.31 38.31
CA ALA A 396 5.31 -2.90 38.63
C ALA A 396 6.77 -2.54 38.76
N ASN A 397 7.04 -1.24 38.93
CA ASN A 397 8.41 -0.73 39.09
C ASN A 397 9.26 -1.19 37.92
N VAL A 398 8.72 -1.07 36.72
CA VAL A 398 9.35 -1.70 35.55
C VAL A 398 10.29 -0.70 34.94
N PRO A 399 11.62 -1.02 34.86
CA PRO A 399 12.51 -0.11 34.13
C PRO A 399 12.29 -0.13 32.61
N LEU A 400 12.74 0.89 31.91
CA LEU A 400 12.52 1.03 30.47
C LEU A 400 13.26 0.01 29.58
N ASP A 401 14.34 -0.58 30.07
CA ASP A 401 15.06 -1.65 29.33
C ASP A 401 14.48 -3.09 29.52
N ALA A 402 13.47 -3.26 30.36
CA ALA A 402 12.81 -4.55 30.54
C ALA A 402 12.16 -5.00 29.21
N ASP A 403 12.40 -6.26 28.84
CA ASP A 403 11.73 -6.96 27.76
C ASP A 403 10.24 -6.68 27.65
N VAL A 404 9.48 -6.85 28.72
CA VAL A 404 8.07 -6.51 28.70
C VAL A 404 7.70 -5.07 28.25
N PHE A 405 8.66 -4.14 28.26
CA PHE A 405 8.44 -2.72 27.92
C PHE A 405 9.07 -2.38 26.56
N ASN A 406 9.50 -3.43 25.84
CA ASN A 406 10.12 -3.31 24.48
C ASN A 406 9.60 -4.33 23.44
N ASN A 407 9.49 -5.62 23.80
CA ASN A 407 8.99 -6.66 22.93
C ASN A 407 7.51 -6.95 23.28
N GLU A 408 6.71 -7.32 22.29
CA GLU A 408 5.27 -7.57 22.51
C GLU A 408 5.15 -8.88 23.34
N PRO A 409 4.53 -8.82 24.54
CA PRO A 409 4.45 -10.07 25.32
C PRO A 409 3.39 -11.06 24.80
N PHE A 410 2.25 -10.56 24.33
CA PHE A 410 1.20 -11.41 23.71
C PHE A 410 0.81 -12.52 24.69
N GLY A 411 0.47 -12.10 25.88
CA GLY A 411 0.21 -13.04 26.97
C GLY A 411 -0.26 -12.28 28.20
N PRO A 412 -0.62 -13.01 29.28
CA PRO A 412 -1.46 -12.36 30.33
C PRO A 412 -0.64 -11.61 31.37
N VAL A 413 0.10 -10.59 30.89
CA VAL A 413 1.06 -9.82 31.67
C VAL A 413 0.81 -8.36 31.44
N ALA A 414 0.63 -7.63 32.51
CA ALA A 414 0.62 -6.17 32.56
C ALA A 414 1.90 -5.63 33.24
N ALA A 415 2.41 -4.50 32.77
CA ALA A 415 3.66 -3.86 33.22
C ALA A 415 3.32 -2.40 33.56
N ILE A 416 3.57 -1.96 34.78
CA ILE A 416 3.12 -0.63 35.20
C ILE A 416 4.32 0.23 35.45
N ARG A 417 4.30 1.48 34.95
CA ARG A 417 5.18 2.58 35.37
C ARG A 417 4.38 3.85 35.62
N GLY A 418 4.97 4.73 36.45
CA GLY A 418 4.43 6.04 36.68
C GLY A 418 4.87 7.13 35.74
N PHE A 419 4.13 8.25 35.74
CA PHE A 419 4.62 9.51 35.19
C PHE A 419 4.07 10.68 35.97
N ASP A 420 4.78 11.80 35.88
CA ASP A 420 4.32 13.10 36.45
C ASP A 420 3.55 13.88 35.36
N LYS A 421 4.21 14.18 34.24
CA LYS A 421 3.71 15.04 33.17
C LYS A 421 3.14 14.25 31.96
N LEU A 422 1.90 14.56 31.59
CA LEU A 422 1.25 13.92 30.44
C LEU A 422 2.13 13.85 29.19
N GLU A 423 2.97 14.85 28.98
CA GLU A 423 3.87 14.91 27.81
C GLU A 423 4.95 13.80 27.90
N GLU A 424 5.32 13.41 29.10
CA GLU A 424 6.27 12.34 29.23
C GLU A 424 5.58 10.99 28.99
N ALA A 425 4.31 10.86 29.37
CA ALA A 425 3.58 9.62 29.05
C ALA A 425 3.47 9.42 27.57
N ILE A 426 3.13 10.49 26.85
CA ILE A 426 3.01 10.46 25.41
C ILE A 426 4.33 10.05 24.74
N ALA A 427 5.44 10.69 25.07
CA ALA A 427 6.76 10.27 24.51
C ALA A 427 7.09 8.80 24.78
N GLU A 428 6.76 8.31 25.97
CA GLU A 428 6.98 6.87 26.25
C GLU A 428 6.10 6.01 25.33
N ALA A 429 4.82 6.41 25.23
CA ALA A 429 3.87 5.79 24.37
C ALA A 429 4.36 5.70 22.94
N ASN A 430 5.04 6.75 22.48
CA ASN A 430 5.59 6.80 21.13
C ASN A 430 7.03 6.29 20.92
N ARG A 431 7.64 5.74 21.96
CA ARG A 431 9.05 5.35 21.92
C ARG A 431 9.30 4.19 21.02
N LEU A 432 8.35 3.25 20.93
CA LEU A 432 8.60 1.94 20.28
C LEU A 432 8.26 1.96 18.79
N PRO A 433 8.87 1.05 17.99
CA PRO A 433 8.48 0.87 16.60
C PRO A 433 7.02 0.42 16.36
N PHE A 434 6.32 -0.13 17.35
CA PHE A 434 4.85 -0.40 17.32
C PHE A 434 4.08 0.90 17.77
N GLY A 435 2.89 1.28 17.31
CA GLY A 435 2.09 0.60 16.39
C GLY A 435 0.57 0.78 16.30
N LEU A 436 -0.16 0.17 17.20
CA LEU A 436 -1.44 -0.36 16.81
C LEU A 436 -2.54 0.27 17.57
N ALA A 437 -2.76 -0.15 18.81
CA ALA A 437 -3.77 0.41 19.64
C ALA A 437 -3.12 1.21 20.74
N GLY A 438 -3.90 2.14 21.28
CA GLY A 438 -3.56 2.84 22.52
C GLY A 438 -4.87 3.12 23.26
N TYR A 439 -4.76 3.25 24.59
CA TYR A 439 -5.90 3.54 25.46
C TYR A 439 -5.57 4.74 26.33
N ALA A 440 -6.58 5.48 26.74
CA ALA A 440 -6.37 6.45 27.83
C ALA A 440 -7.58 6.73 28.69
N PHE A 441 -7.34 7.33 29.84
CA PHE A 441 -8.43 7.69 30.80
C PHE A 441 -8.13 9.05 31.30
N THR A 442 -9.06 9.94 31.02
CA THR A 442 -8.95 11.34 31.28
C THR A 442 -10.36 11.95 31.06
N ARG A 443 -10.53 13.18 31.53
CA ARG A 443 -11.82 13.86 31.53
C ARG A 443 -11.78 15.23 30.85
N SER A 444 -10.59 15.83 30.64
CA SER A 444 -10.51 17.19 30.11
C SER A 444 -10.47 17.16 28.58
N PHE A 445 -11.09 18.16 27.96
CA PHE A 445 -11.05 18.29 26.51
C PHE A 445 -9.63 18.43 26.03
N ALA A 446 -8.90 19.33 26.68
CA ALA A 446 -7.48 19.55 26.35
C ALA A 446 -6.69 18.22 26.28
N ASN A 447 -6.86 17.33 27.25
CA ASN A 447 -6.09 16.06 27.22
C ASN A 447 -6.54 15.14 26.08
N VAL A 448 -7.86 15.06 25.88
CA VAL A 448 -8.41 14.27 24.80
C VAL A 448 -7.84 14.69 23.46
N HIS A 449 -7.84 16.00 23.23
CA HIS A 449 -7.33 16.60 22.03
C HIS A 449 -5.82 16.42 21.87
N LEU A 450 -5.06 16.47 22.95
CA LEU A 450 -3.64 16.31 22.84
C LEU A 450 -3.30 14.83 22.52
N LEU A 451 -3.96 13.91 23.21
CA LEU A 451 -3.74 12.48 22.96
C LEU A 451 -4.14 12.13 21.53
N THR A 452 -5.27 12.69 21.10
CA THR A 452 -5.70 12.49 19.73
C THR A 452 -4.66 12.86 18.64
N GLN A 453 -4.04 14.02 18.77
CA GLN A 453 -3.09 14.52 17.80
C GLN A 453 -1.70 13.88 17.92
N ARG A 454 -1.27 13.47 19.12
CA ARG A 454 0.14 13.14 19.38
C ARG A 454 0.42 11.64 19.49
N LEU A 455 -0.56 10.86 19.89
CA LEU A 455 -0.32 9.46 20.14
C LEU A 455 -0.17 8.68 18.80
N GLU A 456 0.99 8.05 18.60
CA GLU A 456 1.30 7.31 17.38
C GLU A 456 0.67 5.93 17.33
N VAL A 457 -0.61 5.89 17.03
CA VAL A 457 -1.34 4.64 16.97
C VAL A 457 -2.32 4.68 15.81
N GLY A 458 -2.84 3.50 15.48
CA GLY A 458 -3.90 3.37 14.51
C GLY A 458 -5.26 3.52 15.14
N MET A 459 -5.43 3.10 16.39
CA MET A 459 -6.70 3.16 17.08
C MET A 459 -6.47 3.62 18.49
N LEU A 460 -7.31 4.53 18.97
CA LEU A 460 -7.19 5.09 20.31
C LEU A 460 -8.56 5.02 20.96
N TRP A 461 -8.65 4.35 22.11
CA TRP A 461 -9.88 4.31 22.85
C TRP A 461 -9.70 4.94 24.24
N ILE A 462 -10.66 5.79 24.60
CA ILE A 462 -10.56 6.66 25.75
C ILE A 462 -11.78 6.47 26.60
N ASN A 463 -11.53 6.15 27.89
CA ASN A 463 -12.55 5.89 28.93
C ASN A 463 -13.44 4.70 28.65
N GLN A 464 -12.94 3.72 27.90
CA GLN A 464 -13.67 2.47 27.64
C GLN A 464 -12.69 1.41 27.13
N PRO A 465 -13.09 0.13 27.16
CA PRO A 465 -12.27 -0.83 26.40
C PRO A 465 -12.43 -0.64 24.93
N ALA A 466 -11.59 -1.34 24.18
CA ALA A 466 -11.73 -1.52 22.75
C ALA A 466 -13.14 -2.09 22.32
N THR A 467 -13.75 -1.35 21.40
CA THR A 467 -14.97 -1.75 20.69
C THR A 467 -14.66 -1.58 19.17
N PRO A 468 -13.91 -2.54 18.58
CA PRO A 468 -13.52 -2.48 17.13
C PRO A 468 -14.69 -2.89 16.17
N TRP A 469 -15.78 -2.14 16.22
CA TRP A 469 -16.88 -2.28 15.28
C TRP A 469 -16.43 -2.29 13.80
N PRO A 470 -17.11 -3.03 12.92
CA PRO A 470 -16.63 -3.08 11.54
C PRO A 470 -16.64 -1.77 10.74
N GLU A 471 -17.43 -0.78 11.19
CA GLU A 471 -17.53 0.52 10.53
C GLU A 471 -16.39 1.45 10.89
N MET A 472 -15.55 1.08 11.89
CA MET A 472 -14.33 1.89 12.29
C MET A 472 -13.09 1.33 11.63
N PRO A 473 -12.23 2.20 11.08
CA PRO A 473 -10.94 1.70 10.60
C PRO A 473 -10.15 0.90 11.67
N PHE A 474 -9.38 -0.09 11.19
CA PHE A 474 -8.62 -0.95 12.09
C PHE A 474 -7.32 -1.33 11.41
N GLY A 475 -6.23 -0.78 11.89
CA GLY A 475 -4.91 -1.12 11.35
C GLY A 475 -3.89 -0.24 12.00
N GLY A 476 -2.62 -0.59 11.78
CA GLY A 476 -1.55 0.08 12.44
C GLY A 476 -0.73 1.06 11.65
N VAL A 477 0.36 1.47 12.30
CA VAL A 477 1.35 2.41 11.78
C VAL A 477 2.74 1.83 12.13
N LYS A 478 3.78 2.31 11.46
CA LYS A 478 5.22 1.94 11.72
C LYS A 478 5.41 0.42 11.57
N ASP A 479 6.11 -0.27 12.47
CA ASP A 479 6.22 -1.76 12.41
C ASP A 479 4.94 -2.56 12.64
N SER A 480 3.86 -1.90 13.03
CA SER A 480 2.59 -2.62 13.18
C SER A 480 1.89 -2.88 11.81
N GLY A 481 2.40 -2.30 10.74
CA GLY A 481 1.99 -2.58 9.38
C GLY A 481 1.21 -1.45 8.75
N TYR A 482 0.37 -1.81 7.79
CA TYR A 482 -0.46 -0.87 7.05
C TYR A 482 -1.76 -1.50 6.41
N GLY A 483 -2.71 -0.62 6.10
CA GLY A 483 -3.99 -1.01 5.59
C GLY A 483 -4.96 -1.26 6.73
N SER A 484 -6.21 -0.97 6.47
CA SER A 484 -7.26 -1.02 7.47
C SER A 484 -8.19 -2.22 7.23
N GLU A 485 -8.73 -2.83 8.29
CA GLU A 485 -9.72 -3.87 8.10
C GLU A 485 -11.07 -3.43 8.63
N GLY A 486 -11.37 -2.14 8.63
CA GLY A 486 -12.69 -1.68 8.95
C GLY A 486 -12.98 -0.43 8.19
N GLY A 487 -14.25 -0.02 8.25
CA GLY A 487 -14.73 1.14 7.53
C GLY A 487 -14.62 0.96 6.02
N PRO A 488 -14.99 2.01 5.26
CA PRO A 488 -14.86 1.86 3.79
C PRO A 488 -13.40 1.69 3.35
N GLU A 489 -12.49 2.25 4.13
CA GLU A 489 -11.06 2.09 3.91
C GLU A 489 -10.65 0.63 3.74
N ALA A 490 -11.40 -0.27 4.38
CA ALA A 490 -11.14 -1.71 4.29
C ALA A 490 -11.36 -2.32 2.91
N LEU A 491 -12.13 -1.62 2.06
CA LEU A 491 -12.31 -2.10 0.70
C LEU A 491 -11.16 -1.71 -0.23
N GLU A 492 -10.46 -0.62 0.07
CA GLU A 492 -9.49 -0.04 -0.87
C GLU A 492 -8.30 -0.93 -1.21
N PRO A 493 -7.77 -1.69 -0.26
CA PRO A 493 -6.72 -2.64 -0.60
C PRO A 493 -7.15 -3.76 -1.56
N TYR A 494 -8.46 -3.90 -1.77
CA TYR A 494 -8.99 -4.92 -2.67
C TYR A 494 -9.47 -4.31 -3.96
N LEU A 495 -9.31 -3.00 -4.13
CA LEU A 495 -9.83 -2.32 -5.31
C LEU A 495 -8.68 -1.78 -6.18
N VAL A 496 -8.94 -1.69 -7.47
CA VAL A 496 -8.10 -0.91 -8.37
C VAL A 496 -8.88 0.29 -8.82
N THR A 497 -8.21 1.45 -8.86
CA THR A 497 -8.85 2.67 -9.27
C THR A 497 -8.38 2.99 -10.71
N LYS A 498 -9.34 3.25 -11.61
CA LYS A 498 -9.08 3.44 -12.98
C LYS A 498 -9.63 4.79 -13.46
N SER A 499 -8.74 5.64 -13.96
CA SER A 499 -9.10 6.92 -14.57
C SER A 499 -9.53 6.68 -15.99
N VAL A 500 -10.75 7.11 -16.34
CA VAL A 500 -11.26 6.94 -17.70
C VAL A 500 -11.70 8.29 -18.24
N THR A 501 -11.17 8.65 -19.42
CA THR A 501 -11.49 9.93 -20.06
C THR A 501 -11.90 9.62 -21.51
N VAL A 502 -13.10 10.05 -21.90
CA VAL A 502 -13.63 9.72 -23.22
C VAL A 502 -14.08 10.99 -23.90
N MET A 503 -13.42 11.32 -24.99
CA MET A 503 -13.76 12.53 -25.77
C MET A 503 -14.89 12.14 -26.76
N ALA A 504 -16.03 12.79 -26.60
CA ALA A 504 -17.14 12.71 -27.54
C ALA A 504 -16.87 13.61 -28.72
N THR B 29 23.67 29.19 -21.24
CA THR B 29 24.28 28.93 -19.90
C THR B 29 23.74 27.67 -19.19
N TYR B 30 24.62 26.98 -18.47
CA TYR B 30 24.25 25.80 -17.67
C TYR B 30 25.03 25.87 -16.38
N THR B 31 24.38 25.59 -15.25
CA THR B 31 24.97 25.71 -13.92
C THR B 31 25.29 24.36 -13.28
N ASP B 32 26.32 24.33 -12.45
CA ASP B 32 26.61 23.16 -11.59
C ASP B 32 25.57 23.09 -10.43
N THR B 33 25.28 21.90 -9.95
CA THR B 33 24.19 21.66 -8.98
C THR B 33 24.74 21.12 -7.70
N GLN B 34 24.13 21.56 -6.59
CA GLN B 34 24.53 21.13 -5.26
C GLN B 34 23.46 20.31 -4.56
N LEU B 35 23.84 19.76 -3.39
CA LEU B 35 22.88 19.09 -2.52
C LEU B 35 22.12 20.17 -1.77
N LEU B 36 20.88 19.87 -1.39
CA LEU B 36 20.09 20.77 -0.54
C LEU B 36 19.87 20.06 0.80
N ILE B 37 20.47 20.58 1.87
CA ILE B 37 20.40 19.97 3.21
C ILE B 37 20.08 21.08 4.18
N ASP B 38 18.97 20.92 4.90
CA ASP B 38 18.62 21.76 6.02
C ASP B 38 18.66 23.24 5.66
N GLY B 39 18.05 23.60 4.53
CA GLY B 39 17.96 24.96 4.05
C GLY B 39 19.12 25.47 3.19
N GLU B 40 20.21 24.72 3.10
CA GLU B 40 21.45 25.21 2.52
C GLU B 40 21.89 24.42 1.28
N TRP B 41 22.16 25.10 0.17
CA TRP B 41 22.80 24.47 -0.99
C TRP B 41 24.26 24.21 -0.72
N VAL B 42 24.68 22.94 -0.65
CA VAL B 42 26.02 22.60 -0.23
C VAL B 42 26.63 21.47 -1.04
N ASP B 43 27.95 21.39 -0.94
CA ASP B 43 28.78 20.35 -1.55
C ASP B 43 28.72 19.12 -0.67
N ALA B 44 29.20 18.01 -1.18
CA ALA B 44 29.29 16.82 -0.37
C ALA B 44 30.49 17.00 0.51
N ALA B 45 30.45 16.49 1.75
CA ALA B 45 31.62 16.52 2.65
C ALA B 45 32.90 16.04 1.94
N SER B 46 32.80 14.93 1.19
CA SER B 46 33.88 14.39 0.37
C SER B 46 34.35 15.31 -0.77
N GLY B 47 33.51 16.26 -1.19
CA GLY B 47 33.86 17.11 -2.31
C GLY B 47 33.66 16.47 -3.69
N LYS B 48 33.39 15.16 -3.79
CA LYS B 48 33.18 14.51 -5.10
C LYS B 48 32.00 15.04 -5.96
N THR B 49 32.19 14.97 -7.28
CA THR B 49 31.15 15.34 -8.23
C THR B 49 31.03 14.32 -9.38
N ILE B 50 29.90 14.40 -10.08
CA ILE B 50 29.67 13.58 -11.27
C ILE B 50 29.49 14.57 -12.41
N ASP B 51 30.09 14.29 -13.57
CA ASP B 51 29.94 15.15 -14.76
C ASP B 51 28.55 14.99 -15.38
N VAL B 52 28.03 16.09 -15.92
CA VAL B 52 26.73 16.12 -16.53
C VAL B 52 26.99 16.38 -17.98
N VAL B 53 26.38 15.54 -18.83
CA VAL B 53 26.55 15.60 -20.30
C VAL B 53 25.25 16.15 -20.91
N ASN B 54 25.42 16.89 -22.03
CA ASN B 54 24.33 17.25 -22.92
C ASN B 54 24.11 16.15 -23.95
N PRO B 55 22.96 15.42 -23.86
CA PRO B 55 22.74 14.29 -24.81
C PRO B 55 22.73 14.65 -26.31
N ALA B 56 22.49 15.91 -26.68
CA ALA B 56 22.44 16.28 -28.09
C ALA B 56 23.85 16.37 -28.75
N THR B 57 24.91 16.47 -27.94
CA THR B 57 26.30 16.73 -28.40
C THR B 57 27.35 15.75 -27.86
N GLY B 58 27.10 15.16 -26.69
CA GLY B 58 28.05 14.28 -26.02
C GLY B 58 29.01 15.04 -25.12
N LYS B 59 28.89 16.37 -25.10
CA LYS B 59 29.90 17.29 -24.54
C LYS B 59 29.56 17.55 -23.08
N PRO B 60 30.56 17.57 -22.16
CA PRO B 60 30.32 17.98 -20.77
C PRO B 60 29.74 19.41 -20.61
N ILE B 61 28.79 19.59 -19.69
CA ILE B 61 28.19 20.92 -19.47
C ILE B 61 28.22 21.39 -18.02
N GLY B 62 28.52 20.48 -17.11
CA GLY B 62 28.52 20.84 -15.70
C GLY B 62 28.73 19.66 -14.79
N ARG B 63 28.51 19.86 -13.52
CA ARG B 63 28.67 18.75 -12.59
C ARG B 63 27.69 18.83 -11.46
N VAL B 64 27.50 17.69 -10.78
CA VAL B 64 26.62 17.66 -9.63
C VAL B 64 27.37 16.98 -8.50
N ALA B 65 27.06 17.42 -7.29
CA ALA B 65 27.61 16.82 -6.08
C ALA B 65 27.24 15.32 -5.92
N HIS B 66 28.23 14.52 -5.51
CA HIS B 66 28.08 13.08 -5.32
C HIS B 66 28.06 12.88 -3.82
N ALA B 67 26.84 12.82 -3.26
CA ALA B 67 26.60 12.62 -1.84
C ALA B 67 27.11 11.29 -1.32
N GLY B 68 27.60 11.29 -0.10
CA GLY B 68 28.02 10.07 0.62
C GLY B 68 27.17 9.80 1.87
N ILE B 69 27.53 8.78 2.63
CA ILE B 69 26.71 8.37 3.79
C ILE B 69 26.57 9.49 4.81
N ALA B 70 27.69 10.20 5.05
CA ALA B 70 27.70 11.30 6.02
C ALA B 70 26.70 12.37 5.65
N ASP B 71 26.56 12.70 4.36
CA ASP B 71 25.60 13.76 3.99
C ASP B 71 24.18 13.24 4.10
N LEU B 72 24.00 11.95 3.85
CA LEU B 72 22.68 11.35 4.04
C LEU B 72 22.24 11.45 5.51
N ASP B 73 23.17 11.20 6.42
CA ASP B 73 22.93 11.36 7.86
C ASP B 73 22.48 12.76 8.25
N ARG B 74 23.04 13.77 7.62
CA ARG B 74 22.58 15.12 7.89
C ARG B 74 21.21 15.37 7.22
N ALA B 75 20.95 14.75 6.09
CA ALA B 75 19.65 14.96 5.44
C ALA B 75 18.56 14.33 6.30
N LEU B 76 18.88 13.20 6.90
CA LEU B 76 17.92 12.42 7.64
C LEU B 76 17.57 13.12 8.93
N ALA B 77 18.59 13.61 9.66
CA ALA B 77 18.35 14.45 10.83
C ALA B 77 17.51 15.69 10.46
N ALA B 78 17.81 16.32 9.33
CA ALA B 78 17.13 17.54 8.93
C ALA B 78 15.65 17.24 8.57
N ALA B 79 15.43 16.10 7.92
CA ALA B 79 14.12 15.60 7.60
C ALA B 79 13.27 15.39 8.82
N GLN B 80 13.88 14.85 9.89
CA GLN B 80 13.19 14.60 11.12
C GLN B 80 12.72 15.92 11.72
N SER B 81 13.63 16.86 11.91
CA SER B 81 13.25 18.17 12.38
C SER B 81 12.23 18.86 11.50
N GLY B 82 12.41 18.76 10.19
CA GLY B 82 11.49 19.44 9.26
C GLY B 82 10.06 18.93 9.35
N PHE B 83 9.95 17.63 9.57
CA PHE B 83 8.66 16.99 9.77
C PHE B 83 7.97 17.53 11.03
N GLU B 84 8.73 17.59 12.14
CA GLU B 84 8.22 18.13 13.40
C GLU B 84 7.71 19.58 13.15
N ALA B 85 8.38 20.31 12.27
CA ALA B 85 8.01 21.71 11.98
C ALA B 85 6.78 21.83 11.10
N TRP B 86 6.81 21.10 10.01
CA TRP B 86 5.82 21.30 8.94
C TRP B 86 4.48 20.74 9.35
N ARG B 87 4.50 19.66 10.16
CA ARG B 87 3.26 19.06 10.65
C ARG B 87 2.45 20.03 11.50
N LYS B 88 3.12 21.04 12.08
CA LYS B 88 2.50 22.04 12.95
C LYS B 88 1.97 23.26 12.22
N VAL B 89 2.30 23.42 10.95
CA VAL B 89 1.89 24.59 10.16
C VAL B 89 0.47 24.28 9.66
N PRO B 90 -0.51 25.12 10.04
CA PRO B 90 -1.88 24.86 9.59
C PRO B 90 -1.94 24.71 8.07
N ALA B 91 -2.80 23.83 7.61
CA ALA B 91 -3.00 23.54 6.20
C ALA B 91 -3.20 24.76 5.28
N HIS B 92 -4.02 25.75 5.69
CA HIS B 92 -4.17 26.97 4.88
C HIS B 92 -2.85 27.77 4.74
N GLU B 93 -1.95 27.69 5.71
CA GLU B 93 -0.62 28.32 5.58
C GLU B 93 0.33 27.52 4.66
N ARG B 94 0.37 26.22 4.85
CA ARG B 94 1.07 25.32 3.92
C ARG B 94 0.65 25.59 2.48
N ALA B 95 -0.68 25.73 2.25
CA ALA B 95 -1.25 25.99 0.90
C ALA B 95 -0.79 27.29 0.29
N ALA B 96 -0.78 28.36 1.06
CA ALA B 96 -0.30 29.66 0.60
C ALA B 96 1.19 29.63 0.29
N THR B 97 1.98 29.00 1.16
CA THR B 97 3.41 28.78 0.89
C THR B 97 3.59 27.98 -0.39
N MET B 98 2.83 26.90 -0.58
CA MET B 98 2.98 26.12 -1.83
C MET B 98 2.59 26.91 -3.08
N ARG B 99 1.57 27.75 -2.97
CA ARG B 99 1.12 28.59 -4.07
C ARG B 99 2.12 29.69 -4.46
N LYS B 100 2.79 30.28 -3.49
CA LYS B 100 3.93 31.13 -3.81
C LYS B 100 5.02 30.39 -4.63
N ALA B 101 5.38 29.17 -4.21
CA ALA B 101 6.38 28.37 -4.91
C ALA B 101 5.97 28.16 -6.33
N ALA B 102 4.69 27.87 -6.53
CA ALA B 102 4.18 27.72 -7.86
C ALA B 102 4.28 29.00 -8.70
N ALA B 103 3.97 30.14 -8.09
CA ALA B 103 4.11 31.43 -8.79
C ALA B 103 5.59 31.67 -9.20
N LEU B 104 6.52 31.23 -8.36
CA LEU B 104 7.92 31.36 -8.69
C LEU B 104 8.31 30.49 -9.86
N VAL B 105 7.90 29.23 -9.81
CA VAL B 105 8.13 28.27 -10.93
C VAL B 105 7.69 28.87 -12.30
N ARG B 106 6.48 29.45 -12.35
CA ARG B 106 6.00 30.17 -13.55
C ARG B 106 6.90 31.31 -14.00
N GLU B 107 7.21 32.21 -13.06
CA GLU B 107 8.17 33.28 -13.30
C GLU B 107 9.47 32.77 -13.93
N ARG B 108 9.99 31.64 -13.47
CA ARG B 108 11.31 31.13 -13.86
C ARG B 108 11.25 30.05 -14.92
N ALA B 109 10.15 29.98 -15.67
CA ALA B 109 9.93 28.87 -16.56
C ALA B 109 10.91 28.75 -17.71
N ASP B 110 11.27 29.86 -18.34
CA ASP B 110 12.27 29.86 -19.42
C ASP B 110 13.62 29.33 -18.91
N ALA B 111 14.09 29.86 -17.79
CA ALA B 111 15.39 29.47 -17.23
C ALA B 111 15.43 27.96 -16.89
N ILE B 112 14.34 27.46 -16.31
CA ILE B 112 14.24 26.04 -15.88
C ILE B 112 14.23 25.12 -17.09
N ALA B 113 13.39 25.47 -18.05
CA ALA B 113 13.27 24.77 -19.32
C ALA B 113 14.60 24.71 -20.12
N GLN B 114 15.39 25.79 -20.02
CA GLN B 114 16.71 25.88 -20.66
C GLN B 114 17.65 24.88 -20.05
N LEU B 115 17.59 24.73 -18.74
CA LEU B 115 18.43 23.76 -18.02
C LEU B 115 18.04 22.34 -18.36
N MET B 116 16.73 22.10 -18.47
CA MET B 116 16.19 20.78 -18.74
C MET B 116 16.54 20.26 -20.12
N THR B 117 16.16 21.00 -21.15
CA THR B 117 16.53 20.69 -22.51
C THR B 117 18.02 20.34 -22.70
N GLN B 118 18.88 21.12 -22.09
CA GLN B 118 20.31 20.91 -22.19
C GLN B 118 20.78 19.56 -21.62
N GLU B 119 20.21 19.19 -20.47
CA GLU B 119 20.65 18.01 -19.72
C GLU B 119 19.86 16.77 -20.15
N GLN B 120 18.66 16.96 -20.67
CA GLN B 120 17.73 15.84 -20.85
C GLN B 120 17.45 15.53 -22.30
N GLY B 121 17.34 16.54 -23.15
CA GLY B 121 17.33 16.34 -24.61
C GLY B 121 16.05 16.85 -25.25
N LYS B 122 14.96 16.95 -24.50
CA LYS B 122 13.67 17.34 -25.09
C LYS B 122 13.66 18.73 -25.64
N PRO B 123 12.77 18.99 -26.58
CA PRO B 123 12.78 20.35 -27.15
C PRO B 123 12.31 21.38 -26.13
N LEU B 124 12.93 22.54 -26.20
CA LEU B 124 12.59 23.68 -25.36
C LEU B 124 11.06 23.85 -25.14
N THR B 125 10.29 23.69 -26.19
CA THR B 125 8.86 23.88 -26.14
C THR B 125 8.17 22.88 -25.18
N GLU B 126 8.58 21.61 -25.23
CA GLU B 126 8.10 20.56 -24.30
C GLU B 126 8.60 20.78 -22.87
N ALA B 127 9.85 21.21 -22.73
CA ALA B 127 10.36 21.58 -21.39
C ALA B 127 9.48 22.66 -20.80
N ARG B 128 9.21 23.70 -21.56
CA ARG B 128 8.42 24.79 -20.99
C ARG B 128 7.03 24.29 -20.55
N VAL B 129 6.41 23.47 -21.39
CA VAL B 129 5.13 22.83 -21.06
C VAL B 129 5.19 22.01 -19.74
N GLU B 130 6.15 21.06 -19.61
CA GLU B 130 6.45 20.40 -18.33
C GLU B 130 6.52 21.39 -17.15
N VAL B 131 7.32 22.45 -17.26
CA VAL B 131 7.57 23.33 -16.14
C VAL B 131 6.27 24.03 -15.71
N LEU B 132 5.51 24.52 -16.67
CA LEU B 132 4.23 25.16 -16.37
C LEU B 132 3.21 24.19 -15.80
N SER B 133 3.21 22.95 -16.28
CA SER B 133 2.25 21.99 -15.76
C SER B 133 2.66 21.60 -14.33
N ALA B 134 3.98 21.61 -14.04
CA ALA B 134 4.42 21.51 -12.64
C ALA B 134 3.68 22.50 -11.72
N ALA B 135 3.58 23.74 -12.12
CA ALA B 135 2.95 24.79 -11.32
C ALA B 135 1.45 24.52 -11.08
N ASP B 136 0.80 24.11 -12.15
CA ASP B 136 -0.59 23.67 -12.11
C ASP B 136 -0.76 22.54 -11.03
N ILE B 137 0.18 21.57 -11.01
CA ILE B 137 0.15 20.46 -10.02
C ILE B 137 0.26 20.97 -8.60
N ILE B 138 1.24 21.82 -8.37
CA ILE B 138 1.47 22.36 -7.05
C ILE B 138 0.22 23.04 -6.59
N GLU B 139 -0.42 23.86 -7.42
CA GLU B 139 -1.64 24.55 -6.99
C GLU B 139 -2.79 23.66 -6.63
N TRP B 140 -3.03 22.64 -7.45
CA TRP B 140 -4.14 21.73 -7.14
C TRP B 140 -3.88 21.03 -5.76
N PHE B 141 -2.62 20.59 -5.56
CA PHE B 141 -2.27 19.89 -4.32
C PHE B 141 -2.30 20.82 -3.12
N ALA B 142 -1.90 22.06 -3.32
CA ALA B 142 -1.97 23.07 -2.27
C ALA B 142 -3.39 23.07 -1.78
N ASP B 143 -4.32 23.18 -2.71
CA ASP B 143 -5.74 23.25 -2.33
C ASP B 143 -6.27 21.93 -1.75
N GLU B 144 -5.77 20.79 -2.23
CA GLU B 144 -6.22 19.51 -1.73
C GLU B 144 -5.79 19.27 -0.28
N GLY B 145 -4.63 19.84 0.12
CA GLY B 145 -4.16 19.72 1.51
C GLY B 145 -5.16 20.25 2.55
N ARG B 146 -5.99 21.19 2.12
CA ARG B 146 -7.02 21.81 2.97
C ARG B 146 -8.31 20.96 3.10
N ARG B 147 -8.38 19.85 2.35
CA ARG B 147 -9.52 18.99 2.26
C ARG B 147 -9.14 17.54 2.54
N VAL B 148 -8.11 17.33 3.35
CA VAL B 148 -7.81 16.01 3.96
C VAL B 148 -8.79 15.88 5.14
N TYR B 149 -9.98 15.34 4.89
CA TYR B 149 -11.06 15.33 5.84
C TYR B 149 -11.06 14.07 6.75
N GLY B 150 -11.38 14.23 8.02
CA GLY B 150 -11.75 13.10 8.81
C GLY B 150 -13.26 12.92 8.77
N ARG B 151 -13.77 11.96 9.52
CA ARG B 151 -15.17 11.73 9.55
C ARG B 151 -15.66 11.31 10.94
N ILE B 152 -16.96 11.45 11.12
CA ILE B 152 -17.62 11.16 12.41
C ILE B 152 -18.64 10.09 12.09
N VAL B 153 -18.62 9.00 12.86
CA VAL B 153 -19.37 7.76 12.56
C VAL B 153 -20.46 7.72 13.57
N PRO B 154 -21.73 7.48 13.14
CA PRO B 154 -22.81 7.33 14.11
C PRO B 154 -22.45 6.20 15.08
N PRO B 155 -22.55 6.47 16.37
CA PRO B 155 -21.89 5.54 17.28
C PRO B 155 -22.83 4.44 17.71
N ARG B 156 -22.29 3.33 18.19
CA ARG B 156 -23.09 2.29 18.78
C ARG B 156 -23.57 2.64 20.16
N ASN B 157 -22.83 3.49 20.86
CA ASN B 157 -23.26 4.04 22.15
C ASN B 157 -23.20 5.57 22.04
N LEU B 158 -24.31 6.23 22.31
CA LEU B 158 -24.43 7.70 22.13
C LEU B 158 -23.61 8.55 23.16
N GLY B 159 -23.20 7.92 24.26
CA GLY B 159 -22.23 8.50 25.15
C GLY B 159 -20.82 8.60 24.57
N ALA B 160 -20.52 7.94 23.44
CA ALA B 160 -19.18 8.04 22.87
C ALA B 160 -19.21 8.80 21.57
N GLN B 161 -18.11 9.48 21.26
CA GLN B 161 -17.92 10.08 19.95
C GLN B 161 -16.86 9.22 19.23
N GLN B 162 -17.22 8.72 18.06
CA GLN B 162 -16.35 7.89 17.22
C GLN B 162 -15.89 8.72 16.03
N THR B 163 -14.59 8.99 15.92
CA THR B 163 -14.07 9.79 14.84
C THR B 163 -12.99 9.01 14.12
N VAL B 164 -12.72 9.40 12.88
CA VAL B 164 -11.58 8.86 12.11
C VAL B 164 -10.77 10.06 11.69
N VAL B 165 -9.50 10.11 12.08
CA VAL B 165 -8.67 11.32 11.76
C VAL B 165 -7.52 10.97 10.84
N LYS B 166 -7.17 11.93 10.02
CA LYS B 166 -6.12 11.75 9.04
C LYS B 166 -4.90 12.53 9.52
N GLU B 167 -3.70 11.94 9.45
CA GLU B 167 -2.44 12.60 9.84
C GLU B 167 -1.33 12.26 8.87
N PRO B 168 -0.35 13.15 8.76
CA PRO B 168 0.82 12.83 7.93
C PRO B 168 1.61 11.64 8.39
N VAL B 169 2.12 10.85 7.46
CA VAL B 169 2.83 9.63 7.84
C VAL B 169 4.22 9.87 8.45
N GLY B 170 4.91 10.87 7.95
CA GLY B 170 6.26 11.08 8.39
C GLY B 170 7.18 11.37 7.23
N PRO B 171 8.48 11.41 7.52
CA PRO B 171 9.47 11.72 6.51
C PRO B 171 9.42 10.75 5.33
N VAL B 172 9.51 11.31 4.12
CA VAL B 172 9.44 10.56 2.90
C VAL B 172 10.82 10.48 2.24
N ALA B 173 11.17 9.32 1.72
CA ALA B 173 12.29 9.13 0.76
C ALA B 173 11.73 8.85 -0.62
N ALA B 174 12.12 9.66 -1.59
CA ALA B 174 11.56 9.65 -2.90
C ALA B 174 12.72 9.41 -3.85
N PHE B 175 12.48 8.67 -4.93
CA PHE B 175 13.48 8.38 -5.95
C PHE B 175 12.79 8.59 -7.28
N THR B 176 13.37 9.45 -8.12
CA THR B 176 12.76 9.90 -9.35
C THR B 176 13.65 9.78 -10.61
N PRO B 177 13.05 9.52 -11.80
CA PRO B 177 13.83 9.26 -13.00
C PRO B 177 14.02 10.51 -13.88
N TRP B 178 14.71 10.32 -15.02
CA TRP B 178 15.19 11.46 -15.85
C TRP B 178 14.26 11.87 -16.97
N ASN B 179 13.23 11.09 -17.23
CA ASN B 179 12.39 11.39 -18.37
C ASN B 179 11.56 12.71 -18.25
N PHE B 180 10.97 12.98 -17.10
CA PHE B 180 10.44 14.32 -16.78
C PHE B 180 11.13 14.74 -15.49
N PRO B 181 12.27 15.39 -15.61
CA PRO B 181 13.03 15.65 -14.40
C PRO B 181 12.23 16.45 -13.32
N VAL B 182 11.50 17.48 -13.74
CA VAL B 182 10.72 18.31 -12.82
C VAL B 182 9.40 17.67 -12.45
N ASN B 183 8.69 17.15 -13.45
CA ASN B 183 7.34 16.61 -13.19
C ASN B 183 7.27 15.34 -12.31
N GLN B 184 8.20 14.41 -12.49
CA GLN B 184 8.26 13.24 -11.59
C GLN B 184 8.58 13.63 -10.17
N VAL B 185 9.22 14.78 -9.93
CA VAL B 185 9.48 15.22 -8.59
C VAL B 185 8.22 15.87 -8.07
N VAL B 186 7.65 16.80 -8.83
CA VAL B 186 6.63 17.71 -8.33
C VAL B 186 5.38 17.05 -7.71
N ARG B 187 4.87 15.98 -8.32
CA ARG B 187 3.67 15.30 -7.81
C ARG B 187 3.89 14.65 -6.42
N LYS B 188 5.03 14.00 -6.28
CA LYS B 188 5.48 13.38 -5.04
C LYS B 188 5.71 14.44 -3.96
N LEU B 189 6.45 15.48 -4.32
CA LEU B 189 6.77 16.59 -3.42
C LEU B 189 5.49 17.34 -2.98
N SER B 190 4.59 17.62 -3.93
CA SER B 190 3.36 18.35 -3.67
C SER B 190 2.47 17.57 -2.75
N ALA B 191 2.30 16.27 -3.01
CA ALA B 191 1.54 15.36 -2.16
C ALA B 191 2.06 15.36 -0.76
N ALA B 192 3.37 15.13 -0.64
CA ALA B 192 4.00 15.12 0.66
C ALA B 192 3.86 16.48 1.42
N LEU B 193 4.07 17.59 0.74
CA LEU B 193 3.94 18.87 1.43
C LEU B 193 2.49 19.19 1.87
N ALA B 194 1.49 18.73 1.10
CA ALA B 194 0.09 19.07 1.38
C ALA B 194 -0.46 18.39 2.60
N THR B 195 0.09 17.20 2.86
CA THR B 195 -0.28 16.38 4.01
C THR B 195 0.47 16.73 5.28
N GLY B 196 1.63 17.36 5.14
CA GLY B 196 2.45 17.85 6.23
C GLY B 196 3.68 16.96 6.51
N CYS B 197 4.05 16.08 5.61
CA CYS B 197 5.24 15.25 5.71
C CYS B 197 6.40 16.07 5.23
N SER B 198 7.61 15.65 5.62
CA SER B 198 8.82 16.16 5.00
C SER B 198 9.25 15.21 3.91
N PHE B 199 10.23 15.65 3.11
CA PHE B 199 10.50 15.07 1.84
C PHE B 199 11.98 15.07 1.50
N LEU B 200 12.56 13.90 1.27
CA LEU B 200 13.93 13.81 0.85
C LEU B 200 14.01 13.05 -0.43
N VAL B 201 14.49 13.69 -1.50
CA VAL B 201 14.48 13.10 -2.82
C VAL B 201 15.87 12.89 -3.37
N LYS B 202 16.04 11.77 -4.02
CA LYS B 202 17.21 11.51 -4.81
C LYS B 202 16.80 11.67 -6.26
N ALA B 203 17.26 12.73 -6.91
CA ALA B 203 16.87 13.00 -8.30
C ALA B 203 17.94 12.48 -9.28
N PRO B 204 17.66 12.53 -10.56
CA PRO B 204 18.60 11.85 -11.44
C PRO B 204 19.90 12.62 -11.60
N GLU B 205 21.00 11.90 -11.50
CA GLU B 205 22.36 12.41 -11.66
C GLU B 205 22.58 12.95 -13.07
N GLU B 206 21.90 12.36 -14.04
CA GLU B 206 21.96 12.76 -15.44
C GLU B 206 21.16 13.98 -15.76
N THR B 207 20.17 14.33 -14.93
CA THR B 207 19.39 15.53 -15.13
C THR B 207 19.17 16.26 -13.81
N PRO B 208 20.24 16.82 -13.21
CA PRO B 208 20.16 17.35 -11.83
C PRO B 208 19.59 18.77 -11.64
N ALA B 209 19.83 19.62 -12.63
CA ALA B 209 19.67 21.05 -12.48
C ALA B 209 18.23 21.49 -12.52
N SER B 210 17.43 20.92 -13.38
CA SER B 210 16.03 21.39 -13.44
C SER B 210 15.21 20.98 -12.15
N PRO B 211 15.40 19.76 -11.61
CA PRO B 211 14.76 19.54 -10.32
C PRO B 211 15.26 20.38 -9.17
N ALA B 212 16.58 20.62 -9.13
CA ALA B 212 17.16 21.49 -8.09
C ALA B 212 16.57 22.90 -8.18
N ALA B 213 16.42 23.38 -9.39
CA ALA B 213 15.68 24.60 -9.65
C ALA B 213 14.22 24.57 -9.19
N LEU B 214 13.52 23.48 -9.42
CA LEU B 214 12.17 23.36 -8.82
C LEU B 214 12.25 23.46 -7.26
N LEU B 215 13.21 22.75 -6.64
CA LEU B 215 13.34 22.74 -5.18
C LEU B 215 13.72 24.11 -4.61
N ARG B 216 14.59 24.80 -5.35
CA ARG B 216 14.94 26.20 -5.05
C ARG B 216 13.73 27.15 -5.06
N ALA B 217 12.71 26.94 -5.90
CA ALA B 217 11.45 27.73 -5.85
C ALA B 217 10.70 27.55 -4.53
N PHE B 218 10.65 26.32 -4.04
CA PHE B 218 10.09 26.02 -2.72
C PHE B 218 10.89 26.63 -1.55
N VAL B 219 12.22 26.68 -1.66
CA VAL B 219 13.05 27.29 -0.61
C VAL B 219 12.79 28.79 -0.63
N ASP B 220 12.89 29.40 -1.81
CA ASP B 220 12.61 30.83 -1.91
C ASP B 220 11.17 31.23 -1.52
N ALA B 221 10.19 30.34 -1.67
CA ALA B 221 8.80 30.61 -1.28
C ALA B 221 8.60 30.67 0.21
N GLY B 222 9.47 30.01 0.97
CA GLY B 222 9.38 29.97 2.41
C GLY B 222 9.25 28.61 3.09
N VAL B 223 9.36 27.51 2.36
CA VAL B 223 9.32 26.19 3.00
C VAL B 223 10.53 26.09 3.94
N PRO B 224 10.33 25.80 5.26
CA PRO B 224 11.46 25.87 6.20
C PRO B 224 12.50 24.80 6.05
N ALA B 225 13.67 25.09 6.62
CA ALA B 225 14.87 24.23 6.56
C ALA B 225 14.54 22.83 7.04
N GLY B 226 14.97 21.82 6.27
CA GLY B 226 14.74 20.43 6.64
C GLY B 226 13.48 19.81 6.04
N VAL B 227 12.49 20.61 5.62
CA VAL B 227 11.20 20.07 5.19
C VAL B 227 11.38 19.39 3.83
N ILE B 228 12.36 19.86 3.07
CA ILE B 228 12.69 19.38 1.77
C ILE B 228 14.22 19.19 1.71
N GLY B 229 14.65 18.11 1.07
CA GLY B 229 16.07 17.83 0.87
C GLY B 229 16.28 17.21 -0.50
N LEU B 230 17.48 17.34 -1.01
CA LEU B 230 17.80 16.87 -2.34
C LEU B 230 19.23 16.34 -2.37
N VAL B 231 19.35 15.09 -2.77
CA VAL B 231 20.65 14.48 -2.91
C VAL B 231 20.81 13.82 -4.29
N TYR B 232 22.07 13.55 -4.66
CA TYR B 232 22.44 12.86 -5.88
C TYR B 232 23.63 11.99 -5.51
N GLY B 233 23.93 10.97 -6.30
CA GLY B 233 25.13 10.19 -6.04
C GLY B 233 25.04 8.82 -6.65
N ASP B 234 25.41 7.77 -5.91
CA ASP B 234 25.27 6.37 -6.36
C ASP B 234 23.85 5.87 -6.00
N PRO B 235 22.99 5.56 -7.00
CA PRO B 235 21.59 5.25 -6.65
C PRO B 235 21.39 4.05 -5.72
N ALA B 236 22.06 2.95 -6.00
CA ALA B 236 22.05 1.79 -5.13
C ALA B 236 22.43 2.11 -3.68
N GLU B 237 23.57 2.73 -3.47
CA GLU B 237 24.00 3.07 -2.12
C GLU B 237 22.97 4.03 -1.43
N ILE B 238 22.47 5.04 -2.13
CA ILE B 238 21.50 5.94 -1.48
C ILE B 238 20.21 5.20 -1.06
N SER B 239 19.64 4.46 -1.99
CA SER B 239 18.50 3.57 -1.74
C SER B 239 18.62 2.60 -0.58
N SER B 240 19.75 1.89 -0.54
CA SER B 240 20.06 0.94 0.52
C SER B 240 20.23 1.55 1.87
N TYR B 241 20.66 2.81 1.92
CA TYR B 241 20.82 3.52 3.17
C TYR B 241 19.49 4.15 3.60
N LEU B 242 18.81 4.87 2.71
CA LEU B 242 17.58 5.60 3.12
C LEU B 242 16.38 4.73 3.49
N ILE B 243 16.17 3.63 2.76
CA ILE B 243 14.93 2.85 2.94
C ILE B 243 14.87 2.11 4.29
N PRO B 244 15.97 1.45 4.74
CA PRO B 244 15.98 0.83 6.09
C PRO B 244 16.07 1.77 7.32
N HIS B 245 16.30 3.07 7.10
CA HIS B 245 16.63 4.00 8.16
C HIS B 245 15.39 4.42 8.94
N PRO B 246 15.48 4.38 10.27
CA PRO B 246 14.26 4.57 11.05
C PRO B 246 13.60 5.95 10.99
N VAL B 247 14.26 6.93 10.41
CA VAL B 247 13.65 8.24 10.21
C VAL B 247 12.66 8.21 9.05
N ILE B 248 12.92 7.37 8.05
CA ILE B 248 12.04 7.29 6.90
C ILE B 248 10.83 6.50 7.24
N ARG B 249 9.68 7.11 7.04
CA ARG B 249 8.44 6.43 7.33
C ARG B 249 7.79 5.85 6.05
N LYS B 250 8.05 6.46 4.87
CA LYS B 250 7.32 6.17 3.60
C LYS B 250 8.28 6.27 2.41
N VAL B 251 8.19 5.39 1.46
CA VAL B 251 9.09 5.37 0.33
C VAL B 251 8.20 5.54 -0.95
N THR B 252 8.71 6.28 -1.93
CA THR B 252 8.06 6.38 -3.21
C THR B 252 9.11 6.37 -4.30
N PHE B 253 8.88 5.56 -5.34
CA PHE B 253 9.85 5.31 -6.38
C PHE B 253 9.13 5.37 -7.69
N THR B 254 9.72 6.04 -8.64
CA THR B 254 9.22 5.99 -10.01
C THR B 254 10.41 5.56 -10.81
N GLY B 255 10.21 4.63 -11.71
CA GLY B 255 11.31 3.98 -12.41
C GLY B 255 10.90 2.71 -13.12
N SER B 256 11.89 1.89 -13.48
CA SER B 256 11.63 0.60 -14.13
C SER B 256 11.12 -0.48 -13.15
N THR B 257 10.41 -1.43 -13.73
CA THR B 257 9.87 -2.53 -13.02
C THR B 257 10.94 -3.36 -12.24
N PRO B 258 12.07 -3.74 -12.86
CA PRO B 258 13.05 -4.53 -12.07
C PRO B 258 13.62 -3.84 -10.84
N VAL B 259 13.90 -2.55 -10.91
CA VAL B 259 14.50 -1.84 -9.77
C VAL B 259 13.42 -1.61 -8.72
N GLY B 260 12.18 -1.38 -9.14
CA GLY B 260 11.06 -1.19 -8.23
C GLY B 260 10.81 -2.39 -7.36
N LYS B 261 10.92 -3.58 -7.97
CA LYS B 261 10.83 -4.84 -7.28
C LYS B 261 11.94 -5.00 -6.24
N GLN B 262 13.18 -4.72 -6.60
CA GLN B 262 14.25 -4.72 -5.58
C GLN B 262 13.93 -3.68 -4.47
N LEU B 263 13.51 -2.47 -4.83
CA LEU B 263 13.16 -1.46 -3.81
C LEU B 263 11.93 -1.82 -2.93
N ALA B 264 10.92 -2.47 -3.51
CA ALA B 264 9.76 -2.85 -2.76
C ALA B 264 10.09 -4.04 -1.85
N SER B 265 10.98 -4.91 -2.29
CA SER B 265 11.45 -5.97 -1.44
C SER B 265 12.11 -5.41 -0.17
N LEU B 266 13.01 -4.49 -0.34
CA LEU B 266 13.70 -3.86 0.79
C LEU B 266 12.72 -3.09 1.68
N ALA B 267 11.87 -2.26 1.08
CA ALA B 267 10.84 -1.53 1.86
C ALA B 267 10.08 -2.47 2.75
N GLY B 268 9.68 -3.59 2.17
CA GLY B 268 8.96 -4.60 2.88
C GLY B 268 9.73 -5.24 4.01
N LEU B 269 10.97 -5.58 3.75
CA LEU B 269 11.84 -6.15 4.79
C LEU B 269 11.91 -5.21 5.98
N HIS B 270 11.90 -3.91 5.74
CA HIS B 270 11.91 -2.95 6.86
C HIS B 270 10.54 -2.32 7.19
N MET B 271 9.48 -2.97 6.77
CA MET B 271 8.08 -2.53 6.99
C MET B 271 7.79 -1.04 6.78
N LYS B 272 8.17 -0.54 5.62
CA LYS B 272 7.90 0.81 5.18
C LYS B 272 6.76 0.83 4.18
N ARG B 273 5.84 1.75 4.36
CA ARG B 273 4.95 2.22 3.33
C ARG B 273 5.67 2.53 2.02
N ALA B 274 5.17 1.99 0.92
CA ALA B 274 5.77 2.17 -0.40
C ALA B 274 4.72 2.34 -1.51
N THR B 275 4.97 3.30 -2.41
CA THR B 275 4.26 3.38 -3.66
C THR B 275 5.31 3.32 -4.79
N MET B 276 4.87 2.87 -5.95
CA MET B 276 5.71 2.46 -7.06
C MET B 276 4.99 2.83 -8.35
N GLU B 277 5.66 3.56 -9.22
CA GLU B 277 5.15 3.82 -10.56
C GLU B 277 6.22 3.30 -11.51
N LEU B 278 5.91 2.21 -12.18
CA LEU B 278 6.89 1.39 -12.84
C LEU B 278 6.71 1.38 -14.38
N GLY B 279 7.24 0.35 -15.07
CA GLY B 279 6.95 0.13 -16.51
C GLY B 279 5.47 0.12 -16.92
N GLY B 280 5.19 0.72 -18.08
CA GLY B 280 3.95 0.58 -18.79
C GLY B 280 4.22 -0.04 -20.16
N HIS B 281 3.16 -0.45 -20.84
CA HIS B 281 3.29 -0.95 -22.19
C HIS B 281 1.96 -0.71 -22.87
N ALA B 282 1.64 0.57 -23.11
CA ALA B 282 0.25 0.93 -23.42
C ALA B 282 -0.28 0.40 -24.74
N PRO B 283 -1.32 -0.45 -24.70
CA PRO B 283 -2.00 -0.76 -25.95
C PRO B 283 -2.87 0.39 -26.47
N VAL B 284 -3.05 0.43 -27.78
CA VAL B 284 -3.94 1.38 -28.47
C VAL B 284 -4.86 0.56 -29.36
N ILE B 285 -6.16 0.66 -29.16
CA ILE B 285 -7.12 -0.18 -29.86
C ILE B 285 -7.84 0.79 -30.72
N VAL B 286 -7.62 0.69 -32.01
CA VAL B 286 -8.33 1.48 -32.98
C VAL B 286 -9.43 0.54 -33.55
N ALA B 287 -10.67 0.84 -33.21
CA ALA B 287 -11.78 -0.02 -33.56
C ALA B 287 -12.28 0.24 -34.97
N GLU B 288 -13.06 -0.72 -35.47
CA GLU B 288 -13.64 -0.66 -36.81
C GLU B 288 -14.35 0.69 -37.09
N ASP B 289 -15.09 1.22 -36.12
CA ASP B 289 -15.78 2.53 -36.25
C ASP B 289 -14.92 3.77 -35.85
N ALA B 290 -13.62 3.59 -35.63
CA ALA B 290 -12.74 4.74 -35.29
C ALA B 290 -12.70 5.85 -36.35
N ASP B 291 -12.49 7.08 -35.88
CA ASP B 291 -12.06 8.19 -36.75
C ASP B 291 -10.56 8.03 -36.90
N VAL B 292 -10.13 7.61 -38.08
CA VAL B 292 -8.78 7.18 -38.28
C VAL B 292 -7.81 8.35 -38.15
N ALA B 293 -8.14 9.47 -38.81
CA ALA B 293 -7.33 10.72 -38.78
C ALA B 293 -7.11 11.27 -37.38
N LEU B 294 -8.15 11.19 -36.55
CA LEU B 294 -8.03 11.58 -35.13
C LEU B 294 -7.15 10.60 -34.37
N ALA B 295 -7.31 9.34 -34.68
CA ALA B 295 -6.46 8.29 -34.12
C ALA B 295 -5.01 8.57 -34.43
N VAL B 296 -4.70 8.95 -35.67
CA VAL B 296 -3.29 9.22 -36.06
C VAL B 296 -2.77 10.46 -35.39
N LYS B 297 -3.61 11.47 -35.34
CA LYS B 297 -3.22 12.73 -34.73
C LYS B 297 -3.03 12.57 -33.21
N ALA B 298 -3.97 11.92 -32.56
CA ALA B 298 -3.90 11.84 -31.10
C ALA B 298 -2.78 10.87 -30.68
N ALA B 299 -2.82 9.63 -31.14
CA ALA B 299 -1.89 8.66 -30.59
C ALA B 299 -0.54 8.70 -31.28
N GLY B 300 -0.45 9.15 -32.54
CA GLY B 300 0.86 9.44 -33.18
C GLY B 300 1.58 10.59 -32.47
N GLY B 301 0.87 11.71 -32.33
CA GLY B 301 1.38 12.85 -31.60
C GLY B 301 1.88 12.48 -30.22
N ALA B 302 1.12 11.65 -29.51
CA ALA B 302 1.53 11.22 -28.15
C ALA B 302 2.72 10.26 -28.18
N LYS B 303 2.80 9.41 -29.20
CA LYS B 303 3.92 8.50 -29.34
C LYS B 303 5.26 9.22 -29.29
N PHE B 304 5.37 10.32 -30.03
CA PHE B 304 6.71 10.90 -30.24
C PHE B 304 7.00 12.06 -29.29
N ARG B 305 6.00 12.41 -28.47
CA ARG B 305 6.14 13.28 -27.32
C ARG B 305 7.25 12.75 -26.41
N ASN B 306 8.18 13.64 -26.04
CA ASN B 306 9.38 13.27 -25.27
C ASN B 306 10.13 12.08 -25.88
N ALA B 307 10.06 11.97 -27.20
CA ALA B 307 10.58 10.85 -28.00
C ALA B 307 10.19 9.47 -27.46
N GLY B 308 8.98 9.37 -26.92
CA GLY B 308 8.44 8.11 -26.39
C GLY B 308 8.97 7.62 -25.07
N GLN B 309 9.79 8.44 -24.42
CA GLN B 309 10.38 8.13 -23.15
C GLN B 309 9.39 8.48 -22.03
N VAL B 310 8.27 7.78 -22.00
CA VAL B 310 7.18 8.08 -21.10
C VAL B 310 6.55 6.75 -20.71
N CYS B 311 6.26 6.63 -19.42
CA CYS B 311 5.59 5.46 -18.86
C CYS B 311 4.17 5.18 -19.51
N ILE B 312 3.49 6.19 -20.02
CA ILE B 312 2.15 6.02 -20.67
C ILE B 312 2.16 6.15 -22.20
N SER B 313 3.35 6.05 -22.80
CA SER B 313 3.48 6.20 -24.25
C SER B 313 2.83 5.03 -25.03
N PRO B 314 1.91 5.34 -25.98
CA PRO B 314 1.30 4.34 -26.86
C PRO B 314 2.37 3.55 -27.62
N THR B 315 2.32 2.26 -27.55
CA THR B 315 3.37 1.41 -28.07
C THR B 315 2.82 0.30 -29.00
N ARG B 316 1.80 -0.42 -28.53
CA ARG B 316 1.24 -1.60 -29.20
C ARG B 316 0.02 -1.11 -29.82
N PHE B 317 0.10 -0.84 -31.12
CA PHE B 317 -1.00 -0.31 -31.89
C PHE B 317 -1.75 -1.47 -32.51
N LEU B 318 -2.98 -1.63 -32.03
CA LEU B 318 -3.85 -2.74 -32.41
C LEU B 318 -4.91 -2.10 -33.22
N VAL B 319 -4.88 -2.40 -34.51
CA VAL B 319 -5.74 -1.72 -35.45
C VAL B 319 -6.65 -2.68 -36.19
N HIS B 320 -7.94 -2.32 -36.27
CA HIS B 320 -8.89 -3.17 -37.00
C HIS B 320 -8.38 -3.35 -38.43
N ASN B 321 -8.46 -4.58 -38.97
CA ASN B 321 -7.83 -4.86 -40.28
C ASN B 321 -8.40 -4.01 -41.45
N SER B 322 -9.68 -3.65 -41.35
CA SER B 322 -10.31 -2.79 -42.33
C SER B 322 -9.62 -1.45 -42.54
N ILE B 323 -9.03 -0.87 -41.51
CA ILE B 323 -8.39 0.47 -41.60
C ILE B 323 -6.89 0.41 -41.29
N ARG B 324 -6.32 -0.77 -41.14
CA ARG B 324 -4.94 -0.90 -40.73
C ARG B 324 -3.97 -0.28 -41.70
N ASP B 325 -4.11 -0.60 -42.98
CA ASP B 325 -3.23 0.00 -44.01
C ASP B 325 -3.36 1.54 -44.07
N GLU B 326 -4.57 2.05 -44.10
CA GLU B 326 -4.79 3.52 -44.02
C GLU B 326 -4.11 4.18 -42.78
N PHE B 327 -4.24 3.52 -41.63
CA PHE B 327 -3.64 3.97 -40.40
C PHE B 327 -2.12 3.92 -40.46
N THR B 328 -1.54 2.80 -40.84
CA THR B 328 -0.08 2.66 -40.93
C THR B 328 0.51 3.77 -41.79
N ARG B 329 -0.03 3.96 -42.99
CA ARG B 329 0.52 5.01 -43.87
C ARG B 329 0.41 6.42 -43.28
N ALA B 330 -0.68 6.72 -42.59
CA ALA B 330 -0.83 8.06 -42.03
C ALA B 330 0.10 8.25 -40.86
N LEU B 331 0.34 7.21 -40.08
CA LEU B 331 1.29 7.31 -38.99
C LEU B 331 2.71 7.46 -39.53
N VAL B 332 3.04 6.70 -40.57
CA VAL B 332 4.36 6.83 -41.19
C VAL B 332 4.55 8.32 -41.62
N LYS B 333 3.59 8.88 -42.33
CA LYS B 333 3.62 10.31 -42.74
C LYS B 333 3.88 11.26 -41.53
N HIS B 334 3.20 11.02 -40.40
CA HIS B 334 3.36 11.86 -39.22
C HIS B 334 4.77 11.75 -38.63
N ALA B 335 5.31 10.54 -38.54
CA ALA B 335 6.71 10.33 -38.15
C ALA B 335 7.68 11.06 -39.07
N GLU B 336 7.44 10.97 -40.39
CA GLU B 336 8.33 11.63 -41.38
C GLU B 336 8.29 13.16 -41.29
N GLY B 337 7.15 13.76 -40.92
CA GLY B 337 7.06 15.22 -40.70
C GLY B 337 7.89 15.84 -39.58
N LEU B 338 8.29 15.03 -38.61
CA LEU B 338 9.00 15.50 -37.43
C LEU B 338 10.41 15.97 -37.74
N LYS B 339 10.80 17.03 -37.03
CA LYS B 339 12.05 17.70 -37.23
C LYS B 339 12.99 17.24 -36.14
N VAL B 340 13.99 16.46 -36.52
CA VAL B 340 14.96 15.98 -35.56
C VAL B 340 16.15 16.92 -35.47
N GLY B 341 16.55 17.27 -34.25
CA GLY B 341 17.70 18.09 -34.01
C GLY B 341 17.83 18.51 -32.54
N ASN B 342 18.83 19.33 -32.26
CA ASN B 342 19.09 19.83 -30.93
C ASN B 342 17.89 20.62 -30.40
N GLY B 343 17.62 20.41 -29.12
CA GLY B 343 16.40 20.90 -28.49
C GLY B 343 16.29 22.41 -28.33
N LEU B 344 17.42 23.11 -28.36
CA LEU B 344 17.46 24.57 -28.28
C LEU B 344 17.11 25.23 -29.60
N GLU B 345 17.39 24.56 -30.72
CA GLU B 345 17.05 25.13 -32.04
C GLU B 345 15.56 25.08 -32.20
N GLU B 346 14.94 26.23 -32.51
CA GLU B 346 13.50 26.21 -32.77
C GLU B 346 13.30 25.60 -34.15
N GLY B 347 12.12 25.01 -34.32
CA GLY B 347 11.88 24.04 -35.37
C GLY B 347 11.94 22.61 -34.84
N THR B 348 12.97 22.27 -34.04
CA THR B 348 13.15 20.92 -33.44
C THR B 348 11.86 20.43 -32.74
N THR B 349 11.26 19.33 -33.23
CA THR B 349 10.08 18.71 -32.60
C THR B 349 10.37 17.35 -31.93
N LEU B 350 11.50 16.73 -32.25
CA LEU B 350 11.97 15.52 -31.60
C LEU B 350 13.46 15.74 -31.29
N GLY B 351 13.81 15.77 -30.01
CA GLY B 351 15.19 15.97 -29.59
C GLY B 351 16.02 14.69 -29.56
N ALA B 352 17.18 14.75 -28.93
CA ALA B 352 17.98 13.53 -28.72
C ALA B 352 17.40 12.73 -27.56
N LEU B 353 17.62 11.42 -27.62
CA LEU B 353 17.35 10.54 -26.51
C LEU B 353 18.22 10.94 -25.36
N ALA B 354 17.83 10.59 -24.14
CA ALA B 354 18.38 11.21 -22.95
C ALA B 354 19.79 10.71 -22.63
N ASN B 355 20.17 9.57 -23.16
CA ASN B 355 21.46 9.05 -22.84
C ASN B 355 21.87 7.99 -23.80
N PRO B 356 23.18 7.58 -23.80
CA PRO B 356 23.69 6.51 -24.76
C PRO B 356 23.08 5.12 -24.61
N ARG B 357 22.69 4.77 -23.40
CA ARG B 357 21.94 3.51 -23.19
C ARG B 357 20.63 3.40 -24.01
N ARG B 358 19.91 4.51 -24.18
CA ARG B 358 18.68 4.53 -24.99
C ARG B 358 18.96 4.24 -26.50
N LEU B 359 20.08 4.68 -27.05
CA LEU B 359 20.44 4.36 -28.42
C LEU B 359 20.68 2.87 -28.55
N THR B 360 21.54 2.32 -27.70
CA THR B 360 21.77 0.88 -27.68
C THR B 360 20.45 0.12 -27.56
N ALA B 361 19.58 0.59 -26.66
CA ALA B 361 18.27 -0.03 -26.47
C ALA B 361 17.40 0.04 -27.73
N MET B 362 17.35 1.20 -28.40
CA MET B 362 16.62 1.27 -29.67
C MET B 362 17.21 0.36 -30.75
N ALA B 363 18.52 0.37 -30.96
CA ALA B 363 19.05 -0.53 -32.00
C ALA B 363 18.67 -2.03 -31.77
N SER B 364 18.69 -2.48 -30.50
CA SER B 364 18.31 -3.82 -30.10
C SER B 364 16.83 -4.15 -30.44
N VAL B 365 15.97 -3.18 -30.14
CA VAL B 365 14.56 -3.32 -30.43
C VAL B 365 14.34 -3.45 -31.93
N ILE B 366 15.01 -2.60 -32.69
CA ILE B 366 14.89 -2.65 -34.15
C ILE B 366 15.54 -3.88 -34.76
N ASP B 367 16.72 -4.27 -34.26
CA ASP B 367 17.41 -5.52 -34.73
C ASP B 367 16.52 -6.72 -34.49
N ASN B 368 15.85 -6.73 -33.33
CA ASN B 368 14.97 -7.86 -33.05
C ASN B 368 13.72 -7.84 -33.95
N ALA B 369 13.11 -6.65 -34.17
CA ALA B 369 11.93 -6.59 -35.06
C ALA B 369 12.22 -7.20 -36.39
N ARG B 370 13.39 -6.89 -36.90
CA ARG B 370 13.78 -7.35 -38.24
C ARG B 370 14.06 -8.83 -38.23
N LYS B 371 14.76 -9.29 -37.20
CA LYS B 371 15.04 -10.72 -37.05
C LYS B 371 13.75 -11.56 -37.03
N VAL B 372 12.69 -11.05 -36.38
CA VAL B 372 11.45 -11.81 -36.27
C VAL B 372 10.43 -11.59 -37.41
N GLY B 373 10.85 -10.93 -38.49
CA GLY B 373 10.05 -10.81 -39.71
C GLY B 373 9.17 -9.57 -39.80
N ALA B 374 9.33 -8.59 -38.91
CA ALA B 374 8.49 -7.38 -38.99
C ALA B 374 9.07 -6.45 -40.04
N SER B 375 8.28 -5.48 -40.45
CA SER B 375 8.73 -4.54 -41.48
C SER B 375 8.95 -3.15 -40.87
N ILE B 376 10.12 -2.56 -41.09
CA ILE B 376 10.39 -1.18 -40.66
C ILE B 376 9.80 -0.24 -41.73
N GLU B 377 8.73 0.46 -41.39
CA GLU B 377 8.03 1.26 -42.38
C GLU B 377 8.70 2.62 -42.55
N THR B 378 9.40 3.11 -41.52
CA THR B 378 10.18 4.33 -41.64
C THR B 378 11.12 4.40 -40.46
N GLY B 379 12.19 5.18 -40.57
CA GLY B 379 13.08 5.37 -39.44
C GLY B 379 13.90 4.13 -39.16
N GLY B 380 14.20 3.90 -37.89
CA GLY B 380 14.88 2.69 -37.49
C GLY B 380 16.40 2.72 -37.51
N GLU B 381 16.98 3.92 -37.58
CA GLU B 381 18.44 4.08 -37.49
C GLU B 381 18.77 5.29 -36.68
N ARG B 382 19.97 5.21 -36.08
CA ARG B 382 20.68 6.39 -35.58
C ARG B 382 20.83 7.45 -36.67
N ILE B 383 20.74 8.73 -36.28
CA ILE B 383 20.95 9.86 -37.20
C ILE B 383 22.27 10.54 -36.78
N GLY B 384 23.24 10.62 -37.69
CA GLY B 384 24.51 11.28 -37.42
C GLY B 384 25.40 10.37 -36.62
N SER B 385 26.50 10.92 -36.09
CA SER B 385 27.51 10.18 -35.25
C SER B 385 27.86 10.82 -33.86
N GLU B 386 27.20 11.95 -33.54
CA GLU B 386 27.34 12.65 -32.25
C GLU B 386 25.98 12.80 -31.54
N GLY B 387 26.00 12.72 -30.20
CA GLY B 387 24.75 12.74 -29.41
C GLY B 387 23.83 11.53 -29.65
N ASN B 388 22.62 11.57 -29.08
CA ASN B 388 21.82 10.37 -29.01
C ASN B 388 20.58 10.53 -29.89
N PHE B 389 20.78 10.75 -31.20
CA PHE B 389 19.64 10.96 -32.10
C PHE B 389 19.18 9.64 -32.78
N PHE B 390 17.89 9.37 -32.67
CA PHE B 390 17.25 8.21 -33.29
C PHE B 390 15.99 8.65 -34.05
N ALA B 391 15.89 8.16 -35.28
CA ALA B 391 14.82 8.52 -36.18
C ALA B 391 13.50 7.97 -35.66
N PRO B 392 12.41 8.71 -35.86
CA PRO B 392 11.13 8.21 -35.42
C PRO B 392 10.74 7.04 -36.32
N THR B 393 10.34 5.95 -35.69
CA THR B 393 10.27 4.62 -36.31
C THR B 393 8.87 4.04 -36.15
N VAL B 394 8.33 3.48 -37.22
CA VAL B 394 7.04 2.80 -37.22
C VAL B 394 7.32 1.40 -37.75
N ILE B 395 6.87 0.40 -37.02
CA ILE B 395 7.12 -1.02 -37.32
C ILE B 395 5.76 -1.60 -37.53
N ALA B 396 5.56 -2.38 -38.60
CA ALA B 396 4.29 -3.16 -38.87
C ALA B 396 4.57 -4.65 -39.03
N ASN B 397 3.49 -5.42 -39.25
CA ASN B 397 3.58 -6.88 -39.41
C ASN B 397 4.33 -7.51 -38.24
N VAL B 398 3.98 -7.03 -37.05
CA VAL B 398 4.73 -7.38 -35.87
C VAL B 398 4.19 -8.66 -35.28
N PRO B 399 5.06 -9.68 -35.09
CA PRO B 399 4.55 -10.88 -34.47
C PRO B 399 4.46 -10.74 -32.96
N LEU B 400 3.67 -11.62 -32.35
CA LEU B 400 3.43 -11.49 -30.90
C LEU B 400 4.67 -11.76 -30.07
N ASP B 401 5.68 -12.42 -30.63
CA ASP B 401 6.92 -12.63 -29.89
C ASP B 401 8.06 -11.59 -30.05
N ALA B 402 7.87 -10.56 -30.87
CA ALA B 402 8.86 -9.48 -30.97
C ALA B 402 9.04 -8.71 -29.65
N ASP B 403 10.30 -8.42 -29.30
CA ASP B 403 10.71 -7.62 -28.13
C ASP B 403 9.86 -6.38 -27.94
N VAL B 404 9.59 -5.66 -29.01
CA VAL B 404 8.80 -4.42 -28.95
C VAL B 404 7.38 -4.64 -28.45
N PHE B 405 6.85 -5.84 -28.65
CA PHE B 405 5.49 -6.19 -28.20
C PHE B 405 5.49 -6.94 -26.83
N ASN B 406 6.65 -7.03 -26.17
CA ASN B 406 6.77 -7.65 -24.81
C ASN B 406 7.54 -6.83 -23.80
N ASN B 407 8.63 -6.19 -24.20
CA ASN B 407 9.42 -5.31 -23.34
C ASN B 407 9.07 -3.86 -23.65
N GLU B 408 9.04 -3.01 -22.62
CA GLU B 408 8.76 -1.58 -22.79
C GLU B 408 9.93 -0.93 -23.52
N PRO B 409 9.75 -0.44 -24.78
CA PRO B 409 10.86 0.18 -25.52
C PRO B 409 11.29 1.57 -25.03
N PHE B 410 10.35 2.35 -24.48
CA PHE B 410 10.65 3.67 -23.85
C PHE B 410 11.41 4.56 -24.83
N GLY B 411 10.92 4.65 -26.06
CA GLY B 411 11.69 5.28 -27.12
C GLY B 411 10.77 5.56 -28.30
N PRO B 412 11.32 6.17 -29.38
CA PRO B 412 10.49 6.74 -30.46
C PRO B 412 10.08 5.68 -31.50
N VAL B 413 9.40 4.63 -30.99
CA VAL B 413 9.06 3.43 -31.74
C VAL B 413 7.62 3.01 -31.52
N ALA B 414 6.81 3.04 -32.59
CA ALA B 414 5.46 2.45 -32.66
C ALA B 414 5.40 1.10 -33.43
N ALA B 415 4.70 0.15 -32.83
CA ALA B 415 4.48 -1.17 -33.42
C ALA B 415 3.00 -1.39 -33.65
N ILE B 416 2.70 -1.84 -34.87
CA ILE B 416 1.37 -2.03 -35.36
C ILE B 416 1.13 -3.51 -35.64
N ARG B 417 -0.05 -3.94 -35.24
CA ARG B 417 -0.60 -5.24 -35.49
C ARG B 417 -2.12 -5.08 -35.75
N GLY B 418 -2.66 -5.91 -36.63
CA GLY B 418 -4.08 -5.95 -36.91
C GLY B 418 -4.90 -6.93 -36.09
N PHE B 419 -6.22 -6.69 -36.03
CA PHE B 419 -7.17 -7.65 -35.48
C PHE B 419 -8.50 -7.62 -36.26
N ASP B 420 -9.28 -8.69 -36.11
CA ASP B 420 -10.65 -8.77 -36.68
C ASP B 420 -11.73 -8.49 -35.62
N LYS B 421 -11.65 -9.10 -34.43
CA LYS B 421 -12.68 -8.97 -33.37
C LYS B 421 -12.13 -8.18 -32.17
N LEU B 422 -12.88 -7.15 -31.77
CA LEU B 422 -12.57 -6.32 -30.61
C LEU B 422 -12.14 -7.19 -29.41
N GLU B 423 -12.83 -8.32 -29.21
CA GLU B 423 -12.47 -9.29 -28.15
C GLU B 423 -10.99 -9.75 -28.23
N GLU B 424 -10.48 -10.02 -29.43
CA GLU B 424 -9.07 -10.38 -29.63
C GLU B 424 -8.12 -9.21 -29.25
N ALA B 425 -8.50 -7.99 -29.61
CA ALA B 425 -7.71 -6.80 -29.25
C ALA B 425 -7.68 -6.59 -27.76
N ILE B 426 -8.81 -6.77 -27.10
CA ILE B 426 -8.88 -6.68 -25.66
C ILE B 426 -8.00 -7.78 -25.01
N ALA B 427 -8.05 -9.00 -25.47
CA ALA B 427 -7.21 -10.04 -24.86
C ALA B 427 -5.68 -9.82 -25.06
N GLU B 428 -5.28 -9.23 -26.18
CA GLU B 428 -3.90 -8.79 -26.42
C GLU B 428 -3.52 -7.60 -25.53
N ALA B 429 -4.39 -6.61 -25.43
CA ALA B 429 -4.15 -5.51 -24.52
C ALA B 429 -3.83 -5.96 -23.06
N ASN B 430 -4.47 -7.05 -22.63
CA ASN B 430 -4.28 -7.56 -21.27
C ASN B 430 -3.18 -8.63 -21.10
N ARG B 431 -2.52 -9.00 -22.17
CA ARG B 431 -1.69 -10.18 -22.19
C ARG B 431 -0.44 -9.97 -21.35
N LEU B 432 0.10 -8.76 -21.30
CA LEU B 432 1.37 -8.55 -20.64
C LEU B 432 1.19 -8.25 -19.15
N PRO B 433 2.23 -8.50 -18.34
CA PRO B 433 2.18 -8.11 -16.92
C PRO B 433 2.11 -6.61 -16.63
N PHE B 434 2.39 -5.76 -17.61
CA PHE B 434 2.26 -4.31 -17.46
C PHE B 434 0.79 -3.90 -17.64
N GLY B 435 0.43 -2.76 -17.08
CA GLY B 435 -0.96 -2.33 -17.06
C GLY B 435 -0.94 -0.91 -16.50
N LEU B 436 -0.39 0.01 -17.26
CA LEU B 436 -0.34 1.37 -16.83
C LEU B 436 -1.38 2.21 -17.61
N ALA B 437 -1.08 2.64 -18.84
CA ALA B 437 -2.07 3.30 -19.68
C ALA B 437 -2.57 2.43 -20.80
N GLY B 438 -3.73 2.83 -21.32
CA GLY B 438 -4.43 2.21 -22.47
C GLY B 438 -5.11 3.35 -23.26
N TYR B 439 -5.24 3.19 -24.58
CA TYR B 439 -5.87 4.14 -25.46
C TYR B 439 -6.86 3.41 -26.37
N ALA B 440 -7.95 4.06 -26.75
CA ALA B 440 -8.79 3.53 -27.79
C ALA B 440 -9.47 4.60 -28.58
N PHE B 441 -9.98 4.18 -29.72
CA PHE B 441 -10.68 5.08 -30.62
C PHE B 441 -11.87 4.31 -31.13
N THR B 442 -13.04 4.85 -30.89
CA THR B 442 -14.34 4.18 -31.16
C THR B 442 -15.46 5.23 -30.92
N ARG B 443 -16.63 5.01 -31.50
CA ARG B 443 -17.74 5.95 -31.35
C ARG B 443 -18.95 5.35 -30.61
N SER B 444 -19.06 4.03 -30.55
CA SER B 444 -20.24 3.38 -29.97
C SER B 444 -20.14 3.38 -28.43
N PHE B 445 -21.30 3.58 -27.78
CA PHE B 445 -21.35 3.59 -26.31
C PHE B 445 -20.97 2.21 -25.76
N ALA B 446 -21.49 1.15 -26.40
CA ALA B 446 -21.24 -0.22 -26.01
C ALA B 446 -19.76 -0.61 -25.97
N ASN B 447 -18.98 -0.16 -26.96
CA ASN B 447 -17.55 -0.32 -26.92
C ASN B 447 -16.87 0.56 -25.87
N VAL B 448 -17.33 1.78 -25.64
CA VAL B 448 -16.72 2.55 -24.54
C VAL B 448 -16.87 1.74 -23.23
N HIS B 449 -18.09 1.28 -22.98
CA HIS B 449 -18.46 0.60 -21.73
C HIS B 449 -17.70 -0.73 -21.62
N LEU B 450 -17.64 -1.48 -22.72
CA LEU B 450 -16.87 -2.73 -22.75
C LEU B 450 -15.38 -2.49 -22.39
N LEU B 451 -14.78 -1.48 -22.99
CA LEU B 451 -13.32 -1.21 -22.84
C LEU B 451 -12.99 -0.74 -21.45
N THR B 452 -13.90 0.11 -20.96
CA THR B 452 -13.88 0.58 -19.61
C THR B 452 -13.87 -0.58 -18.63
N GLN B 453 -14.74 -1.54 -18.82
CA GLN B 453 -14.80 -2.71 -17.91
C GLN B 453 -13.60 -3.69 -18.04
N ARG B 454 -13.14 -3.94 -19.25
CA ARG B 454 -12.32 -5.12 -19.52
C ARG B 454 -10.80 -4.84 -19.53
N LEU B 455 -10.40 -3.59 -19.77
CA LEU B 455 -9.00 -3.29 -19.96
C LEU B 455 -8.25 -3.19 -18.62
N GLU B 456 -7.22 -4.03 -18.46
CA GLU B 456 -6.39 -4.08 -17.26
C GLU B 456 -5.30 -3.00 -17.32
N VAL B 457 -5.74 -1.77 -17.06
CA VAL B 457 -4.91 -0.59 -17.02
C VAL B 457 -5.36 0.30 -15.91
N GLY B 458 -4.49 1.22 -15.49
CA GLY B 458 -4.81 2.22 -14.49
C GLY B 458 -5.49 3.45 -15.03
N MET B 459 -5.21 3.75 -16.28
CA MET B 459 -5.68 4.96 -16.94
C MET B 459 -6.02 4.63 -18.41
N LEU B 460 -7.19 5.10 -18.84
CA LEU B 460 -7.67 4.90 -20.18
C LEU B 460 -8.20 6.19 -20.77
N TRP B 461 -7.67 6.53 -21.95
CA TRP B 461 -8.09 7.68 -22.69
C TRP B 461 -8.61 7.25 -24.03
N ILE B 462 -9.82 7.73 -24.33
CA ILE B 462 -10.51 7.38 -25.58
C ILE B 462 -10.78 8.62 -26.48
N ASN B 463 -10.39 8.51 -27.75
CA ASN B 463 -10.57 9.57 -28.73
C ASN B 463 -9.79 10.84 -28.41
N GLN B 464 -8.68 10.73 -27.70
CA GLN B 464 -7.80 11.85 -27.39
C GLN B 464 -6.43 11.33 -26.91
N PRO B 465 -5.39 12.20 -26.94
CA PRO B 465 -4.13 11.79 -26.26
C PRO B 465 -4.30 11.83 -24.73
N ALA B 466 -3.24 11.44 -24.04
CA ALA B 466 -3.25 11.49 -22.59
C ALA B 466 -3.32 12.97 -22.13
N THR B 467 -4.18 13.24 -21.15
CA THR B 467 -4.30 14.54 -20.49
C THR B 467 -4.27 14.25 -18.98
N PRO B 468 -3.09 13.91 -18.41
CA PRO B 468 -2.96 13.54 -16.99
C PRO B 468 -2.98 14.75 -16.05
N TRP B 469 -4.16 15.30 -15.82
CA TRP B 469 -4.31 16.45 -14.95
C TRP B 469 -4.18 15.98 -13.51
N PRO B 470 -3.67 16.85 -12.63
CA PRO B 470 -3.50 16.53 -11.20
C PRO B 470 -4.75 16.06 -10.42
N GLU B 471 -5.93 16.54 -10.79
CA GLU B 471 -7.21 16.04 -10.27
C GLU B 471 -7.58 14.60 -10.70
N MET B 472 -6.91 14.05 -11.71
CA MET B 472 -7.20 12.63 -12.12
C MET B 472 -6.20 11.64 -11.51
N PRO B 473 -6.68 10.49 -10.90
CA PRO B 473 -5.69 9.47 -10.42
C PRO B 473 -4.80 9.02 -11.54
N PHE B 474 -3.58 8.65 -11.16
CA PHE B 474 -2.53 8.33 -12.08
C PHE B 474 -1.68 7.28 -11.41
N GLY B 475 -1.79 6.06 -11.83
CA GLY B 475 -1.07 4.91 -11.19
C GLY B 475 -1.39 3.60 -11.88
N GLY B 476 -0.62 2.57 -11.58
CA GLY B 476 -0.78 1.31 -12.28
C GLY B 476 -1.45 0.18 -11.52
N VAL B 477 -1.36 -0.98 -12.16
CA VAL B 477 -1.88 -2.25 -11.73
C VAL B 477 -0.82 -3.28 -12.14
N LYS B 478 -0.85 -4.46 -11.55
CA LYS B 478 0.06 -5.56 -11.92
C LYS B 478 1.52 -5.15 -11.79
N ASP B 479 2.40 -5.50 -12.75
CA ASP B 479 3.81 -5.07 -12.72
C ASP B 479 4.05 -3.57 -12.86
N SER B 480 3.01 -2.77 -13.08
CA SER B 480 3.21 -1.33 -13.15
C SER B 480 3.19 -0.65 -11.78
N GLY B 481 2.99 -1.43 -10.72
CA GLY B 481 3.06 -0.92 -9.37
C GLY B 481 1.70 -0.61 -8.81
N TYR B 482 1.66 0.38 -7.92
CA TYR B 482 0.51 0.67 -7.06
C TYR B 482 0.66 2.01 -6.37
N GLY B 483 -0.49 2.63 -6.08
CA GLY B 483 -0.55 3.95 -5.50
C GLY B 483 -0.76 4.92 -6.63
N SER B 484 -1.52 5.99 -6.36
CA SER B 484 -1.85 7.01 -7.32
C SER B 484 -1.02 8.28 -7.05
N GLU B 485 -0.65 9.00 -8.11
CA GLU B 485 -0.09 10.35 -8.00
C GLU B 485 -1.01 11.48 -8.44
N GLY B 486 -2.31 11.20 -8.68
CA GLY B 486 -3.29 12.24 -8.90
C GLY B 486 -4.56 12.06 -8.08
N GLY B 487 -5.37 13.11 -8.00
CA GLY B 487 -6.67 13.08 -7.31
C GLY B 487 -6.51 13.08 -5.81
N PRO B 488 -7.62 13.10 -5.08
CA PRO B 488 -7.47 12.99 -3.61
C PRO B 488 -6.73 11.70 -3.17
N GLU B 489 -6.88 10.62 -3.96
CA GLU B 489 -6.14 9.35 -3.79
C GLU B 489 -4.63 9.57 -3.68
N ALA B 490 -4.06 10.56 -4.34
CA ALA B 490 -2.61 10.82 -4.21
C ALA B 490 -2.16 11.17 -2.79
N LEU B 491 -3.07 11.67 -1.98
CA LEU B 491 -2.73 11.98 -0.59
C LEU B 491 -2.69 10.75 0.33
N GLU B 492 -3.43 9.70 0.00
CA GLU B 492 -3.61 8.56 0.90
C GLU B 492 -2.31 7.80 1.25
N PRO B 493 -1.39 7.59 0.30
CA PRO B 493 -0.08 7.01 0.69
C PRO B 493 0.75 7.89 1.65
N TYR B 494 0.42 9.19 1.75
CA TYR B 494 1.12 10.11 2.64
C TYR B 494 0.37 10.29 3.97
N LEU B 495 -0.63 9.46 4.24
CA LEU B 495 -1.49 9.68 5.44
C LEU B 495 -1.68 8.42 6.22
N VAL B 496 -1.87 8.57 7.52
CA VAL B 496 -2.37 7.49 8.36
C VAL B 496 -3.78 7.86 8.83
N THR B 497 -4.57 6.83 9.00
CA THR B 497 -5.94 6.92 9.41
C THR B 497 -5.93 6.44 10.86
N LYS B 498 -6.45 7.26 11.76
CA LYS B 498 -6.55 6.92 13.17
C LYS B 498 -8.02 6.87 13.61
N SER B 499 -8.46 5.72 14.10
CA SER B 499 -9.79 5.60 14.74
C SER B 499 -9.72 6.08 16.16
N VAL B 500 -10.56 7.04 16.53
CA VAL B 500 -10.53 7.59 17.88
C VAL B 500 -11.95 7.51 18.47
N THR B 501 -12.07 6.84 19.61
CA THR B 501 -13.36 6.67 20.26
C THR B 501 -13.22 7.17 21.67
N VAL B 502 -13.99 8.21 22.00
CA VAL B 502 -13.96 8.78 23.34
C VAL B 502 -15.29 8.65 24.03
N MET B 503 -15.31 7.99 25.19
CA MET B 503 -16.51 7.91 26.02
C MET B 503 -16.61 9.08 27.08
N ALA B 504 -17.71 9.84 26.99
CA ALA B 504 -18.14 10.75 28.05
C ALA B 504 -18.67 9.99 29.26
#